data_4XAE
#
_entry.id   4XAE
#
_cell.length_a   193.219
_cell.length_b   54.554
_cell.length_c   78.815
_cell.angle_alpha   90.00
_cell.angle_beta   111.54
_cell.angle_gamma   90.00
#
_symmetry.space_group_name_H-M   'C 1 2 1'
#
loop_
_entity.id
_entity.type
_entity.pdbx_description
1 polymer 'Feruloyl CoA ortho-hydroxylase 1'
2 non-polymer 'SODIUM ION'
3 water water
#
_entity_poly.entity_id   1
_entity_poly.type   'polypeptide(L)'
_entity_poly.pdbx_seq_one_letter_code
;GSSHHHHHHSQDPAPTLLTTQFSNPAEVTDFVVYKGNGVKGLSETGIKALPEQYIQPLEERLINKFVNETDEAIPVID
(MSE)SNPDEDRVAEAVCDAAEKWGFFQVINHGVPLEVLDDVKAATHKFFNLPVEEKRKFTKENSLSTTVRFGTSFSPLA
EQALEWKDYLSLFFVSEAEAEQFWPDICRNETLEYINKSKK(MSE)VRRLLEYLGKNLNVKELDETKESLF(MSE)GSIR
VNLNYYPICPNPDLTVGVGRHSDVSSLTILLQDQIGGLHVRSLASGNWVHVPPVAGSFVINIGDA(MSE)QI(MSE)SNG
LYKSVEHRVLANGYNNRISVPIFVNPKPESVIGPLPEVIANGEEPIYRDVLYSDYVKYFFRKAHDGKKTVDYAKI
;
_entity_poly.pdbx_strand_id   A,B
#
# COMPACT_ATOMS: atom_id res chain seq x y z
N GLU A 27 -8.41 21.94 4.01
CA GLU A 27 -7.36 22.78 3.48
C GLU A 27 -7.76 23.28 2.09
N VAL A 28 -7.23 22.62 1.06
CA VAL A 28 -7.53 22.94 -0.33
C VAL A 28 -8.61 21.92 -0.68
N THR A 29 -8.59 20.85 0.11
CA THR A 29 -9.56 19.77 0.04
C THR A 29 -10.98 20.30 0.20
N ASP A 30 -11.11 21.32 1.04
CA ASP A 30 -12.42 21.88 1.34
C ASP A 30 -13.04 22.47 0.08
N PHE A 31 -12.30 23.35 -0.57
CA PHE A 31 -12.75 23.98 -1.80
C PHE A 31 -12.98 22.96 -2.91
N VAL A 32 -11.98 22.10 -3.13
CA VAL A 32 -12.03 21.15 -4.21
C VAL A 32 -13.06 20.05 -3.97
N VAL A 33 -12.90 19.34 -2.85
CA VAL A 33 -13.74 18.17 -2.58
C VAL A 33 -15.01 18.55 -1.82
N TYR A 34 -14.84 19.02 -0.58
CA TYR A 34 -15.99 19.23 0.30
C TYR A 34 -17.02 20.23 -0.25
N LYS A 35 -16.56 21.20 -1.03
CA LYS A 35 -17.47 22.21 -1.57
C LYS A 35 -17.67 21.97 -3.06
N GLY A 36 -17.14 20.85 -3.54
CA GLY A 36 -17.44 20.34 -4.88
C GLY A 36 -16.99 21.14 -6.08
N ASN A 37 -16.03 22.05 -5.91
CA ASN A 37 -15.52 22.80 -7.05
C ASN A 37 -14.67 21.94 -7.97
N GLY A 38 -14.02 20.92 -7.41
CA GLY A 38 -13.17 20.05 -8.19
C GLY A 38 -11.90 20.75 -8.65
N VAL A 39 -11.05 20.03 -9.37
CA VAL A 39 -9.81 20.62 -9.87
C VAL A 39 -10.03 21.56 -11.06
N LYS A 40 -11.19 21.51 -11.68
CA LYS A 40 -11.46 22.41 -12.80
C LYS A 40 -11.64 23.83 -12.30
N GLY A 41 -12.56 24.01 -11.35
CA GLY A 41 -12.80 25.33 -10.78
C GLY A 41 -11.59 25.85 -10.04
N LEU A 42 -10.75 24.93 -9.53
CA LEU A 42 -9.52 25.33 -8.86
C LEU A 42 -8.52 25.79 -9.90
N SER A 43 -8.52 25.11 -11.04
CA SER A 43 -7.68 25.48 -12.17
C SER A 43 -8.16 26.82 -12.71
N GLU A 44 -9.45 27.11 -12.51
CA GLU A 44 -10.05 28.34 -12.98
C GLU A 44 -9.86 29.48 -11.96
N THR A 45 -9.01 29.27 -10.98
CA THR A 45 -8.66 30.34 -10.07
C THR A 45 -7.26 30.83 -10.42
N GLY A 46 -6.71 30.23 -11.47
CA GLY A 46 -5.42 30.60 -12.02
C GLY A 46 -4.30 30.42 -11.01
N ILE A 47 -4.25 29.26 -10.37
CA ILE A 47 -3.24 29.03 -9.35
C ILE A 47 -1.92 28.76 -10.05
N LYS A 48 -0.88 29.49 -9.63
CA LYS A 48 0.45 29.35 -10.22
C LYS A 48 1.24 28.13 -9.74
N ALA A 49 0.78 27.50 -8.65
CA ALA A 49 1.53 26.38 -8.08
C ALA A 49 0.62 25.21 -7.68
N LEU A 50 1.17 24.01 -7.80
CA LEU A 50 0.43 22.78 -7.51
C LEU A 50 0.41 22.43 -6.03
N PRO A 51 -0.75 22.01 -5.51
CA PRO A 51 -0.82 21.62 -4.09
C PRO A 51 -0.13 20.29 -3.83
N GLU A 52 0.32 20.07 -2.59
CA GLU A 52 1.04 18.84 -2.21
C GLU A 52 0.25 17.55 -2.47
N GLN A 53 -1.08 17.64 -2.41
CA GLN A 53 -1.95 16.48 -2.55
C GLN A 53 -1.78 15.76 -3.88
N TYR A 54 -1.37 16.51 -4.90
CA TYR A 54 -1.33 15.98 -6.25
C TYR A 54 0.08 15.61 -6.69
N ILE A 55 1.09 15.93 -5.89
CA ILE A 55 2.45 15.62 -6.29
C ILE A 55 2.69 14.12 -6.23
N GLN A 56 2.79 13.52 -7.41
CA GLN A 56 2.92 12.07 -7.54
C GLN A 56 4.25 11.58 -6.99
N PRO A 57 4.38 10.26 -6.77
CA PRO A 57 5.67 9.71 -6.34
C PRO A 57 6.79 9.96 -7.35
N LEU A 58 8.01 9.67 -6.92
CA LEU A 58 9.21 9.90 -7.73
C LEU A 58 9.12 9.19 -9.08
N GLU A 59 8.85 7.89 -9.04
CA GLU A 59 8.85 7.07 -10.25
C GLU A 59 7.82 7.54 -11.28
N GLU A 60 6.70 8.10 -10.80
CA GLU A 60 5.75 8.74 -11.71
C GLU A 60 6.35 9.97 -12.38
N ARG A 61 7.05 10.77 -11.58
CA ARG A 61 7.60 12.02 -12.05
C ARG A 61 8.83 11.76 -12.93
N LEU A 62 9.39 10.56 -12.83
CA LEU A 62 10.49 10.19 -13.71
C LEU A 62 10.05 9.91 -15.14
N ILE A 63 8.96 9.17 -15.29
CA ILE A 63 8.45 8.81 -16.62
C ILE A 63 7.78 9.99 -17.32
N ASN A 64 7.37 10.99 -16.54
CA ASN A 64 6.91 12.24 -17.13
C ASN A 64 8.03 12.90 -17.89
N LYS A 65 9.25 12.74 -17.38
CA LYS A 65 10.43 13.37 -17.98
C LYS A 65 11.11 12.41 -18.94
N PHE A 66 10.49 11.24 -19.14
CA PHE A 66 11.01 10.30 -20.12
C PHE A 66 10.60 10.74 -21.52
N VAL A 67 11.61 10.99 -22.34
CA VAL A 67 11.40 11.40 -23.72
C VAL A 67 11.48 10.11 -24.52
N ASN A 68 10.99 10.13 -25.75
CA ASN A 68 10.53 8.90 -26.36
C ASN A 68 11.48 8.42 -27.47
N GLU A 69 11.05 7.47 -28.30
CA GLU A 69 11.98 6.70 -29.14
C GLU A 69 11.92 7.08 -30.61
N THR A 70 11.15 8.13 -30.91
CA THR A 70 11.04 8.66 -32.27
C THR A 70 10.52 7.70 -33.34
N ASP A 71 10.11 6.48 -32.97
CA ASP A 71 9.60 5.57 -33.99
C ASP A 71 8.49 4.60 -33.57
N GLU A 72 8.51 4.13 -32.33
CA GLU A 72 7.53 3.12 -31.90
C GLU A 72 6.14 3.69 -31.67
N ALA A 73 5.12 2.94 -32.13
CA ALA A 73 3.74 3.37 -32.02
C ALA A 73 2.77 2.19 -31.86
N ILE A 74 1.56 2.50 -31.41
CA ILE A 74 0.50 1.53 -31.22
C ILE A 74 -0.18 1.20 -32.55
N PRO A 75 -0.42 -0.10 -32.83
CA PRO A 75 -1.04 -0.54 -34.08
C PRO A 75 -2.34 0.19 -34.42
N VAL A 76 -2.49 0.59 -35.67
CA VAL A 76 -3.69 1.23 -36.15
C VAL A 76 -4.40 0.30 -37.14
N ILE A 77 -5.67 0.00 -36.88
CA ILE A 77 -6.40 -0.96 -37.68
C ILE A 77 -7.57 -0.33 -38.40
N ASP A 78 -7.64 -0.56 -39.70
CA ASP A 78 -8.74 -0.10 -40.54
C ASP A 78 -9.80 -1.19 -40.66
N SER A 80 -12.72 -0.96 -42.09
CA SER A 80 -13.48 -0.85 -43.32
C SER A 80 -12.92 -1.66 -44.49
N ASN A 81 -11.88 -2.43 -44.16
CA ASN A 81 -11.08 -3.26 -45.09
C ASN A 81 -11.88 -4.57 -45.32
N PRO A 82 -12.16 -4.92 -46.58
CA PRO A 82 -13.03 -6.04 -47.05
C PRO A 82 -12.74 -7.46 -46.48
N ASP A 83 -11.81 -8.25 -46.99
CA ASP A 83 -11.31 -9.45 -46.31
C ASP A 83 -11.34 -9.19 -44.84
N GLU A 84 -12.36 -9.67 -44.18
CA GLU A 84 -12.52 -9.36 -42.77
C GLU A 84 -11.73 -10.34 -41.87
N ASP A 85 -11.04 -11.31 -42.46
CA ASP A 85 -10.20 -12.29 -41.74
C ASP A 85 -8.74 -11.83 -41.57
N ARG A 86 -8.27 -10.85 -42.34
CA ARG A 86 -6.95 -10.23 -42.11
C ARG A 86 -7.11 -9.21 -40.98
N VAL A 87 -8.26 -8.52 -40.94
CA VAL A 87 -8.55 -7.49 -39.94
C VAL A 87 -8.78 -8.15 -38.59
N ALA A 88 -9.33 -9.37 -38.66
CA ALA A 88 -9.48 -10.24 -37.48
C ALA A 88 -8.15 -10.56 -36.84
N GLU A 89 -7.18 -11.01 -37.64
CA GLU A 89 -5.91 -11.42 -37.07
C GLU A 89 -5.00 -10.22 -36.81
N ALA A 90 -5.37 -9.06 -37.34
CA ALA A 90 -4.71 -7.78 -37.02
C ALA A 90 -5.00 -7.30 -35.60
N VAL A 91 -6.22 -7.59 -35.13
CA VAL A 91 -6.69 -7.15 -33.82
C VAL A 91 -5.89 -7.79 -32.71
N CYS A 92 -5.68 -9.09 -32.85
CA CYS A 92 -4.88 -9.90 -31.91
C CYS A 92 -3.40 -10.05 -32.25
N ASP A 93 -2.96 -9.27 -33.23
CA ASP A 93 -1.55 -9.22 -33.57
C ASP A 93 -1.21 -8.00 -32.72
N ALA A 94 -2.21 -7.12 -32.63
CA ALA A 94 -2.24 -6.01 -31.68
C ALA A 94 -2.49 -6.44 -30.22
N ALA A 95 -3.54 -7.23 -30.00
CA ALA A 95 -3.99 -7.52 -28.64
C ALA A 95 -3.09 -8.46 -27.86
N GLU A 96 -2.25 -9.21 -28.57
CA GLU A 96 -1.42 -10.19 -27.89
C GLU A 96 -0.04 -9.64 -27.56
N LYS A 97 0.47 -8.75 -28.42
CA LYS A 97 1.78 -8.16 -28.22
C LYS A 97 1.78 -6.77 -27.60
N TRP A 98 0.74 -5.99 -27.86
CA TRP A 98 0.68 -4.62 -27.39
C TRP A 98 -0.34 -4.48 -26.27
N GLY A 99 -1.48 -5.17 -26.42
CA GLY A 99 -2.56 -5.01 -25.47
C GLY A 99 -3.27 -3.70 -25.73
N PHE A 100 -2.97 -3.09 -26.87
CA PHE A 100 -3.45 -1.77 -27.25
C PHE A 100 -3.54 -1.65 -28.76
N PHE A 101 -4.60 -0.99 -29.25
CA PHE A 101 -4.68 -0.61 -30.66
C PHE A 101 -5.75 0.43 -30.91
N GLN A 102 -5.67 1.09 -32.07
CA GLN A 102 -6.65 2.11 -32.45
C GLN A 102 -7.48 1.65 -33.64
N VAL A 103 -8.72 2.12 -33.72
CA VAL A 103 -9.57 1.84 -34.88
C VAL A 103 -10.00 3.15 -35.53
N ILE A 104 -10.08 3.16 -36.86
CA ILE A 104 -10.37 4.40 -37.59
C ILE A 104 -11.74 4.38 -38.27
N ASN A 105 -12.00 3.36 -39.07
CA ASN A 105 -13.30 3.22 -39.72
C ASN A 105 -14.08 2.11 -39.04
N HIS A 106 -14.68 2.44 -37.90
CA HIS A 106 -15.26 1.45 -37.00
C HIS A 106 -16.76 1.31 -37.15
N GLY A 107 -17.37 2.24 -37.88
CA GLY A 107 -18.79 2.17 -38.16
C GLY A 107 -19.63 3.07 -37.28
N VAL A 108 -19.06 3.55 -36.18
CA VAL A 108 -19.77 4.50 -35.35
C VAL A 108 -19.69 5.88 -35.98
N PRO A 109 -20.84 6.40 -36.46
CA PRO A 109 -20.89 7.67 -37.20
C PRO A 109 -20.22 8.83 -36.44
N LEU A 110 -19.34 9.55 -37.12
CA LEU A 110 -18.51 10.58 -36.47
C LEU A 110 -19.30 11.77 -35.92
N GLU A 111 -20.57 11.85 -36.30
CA GLU A 111 -21.52 12.80 -35.72
C GLU A 111 -21.68 12.57 -34.22
N VAL A 112 -21.89 11.31 -33.84
CA VAL A 112 -22.08 10.90 -32.45
C VAL A 112 -20.87 11.13 -31.54
N LEU A 113 -19.67 10.94 -32.07
CA LEU A 113 -18.45 11.12 -31.27
C LEU A 113 -18.25 12.56 -30.89
N ASP A 114 -18.69 13.47 -31.76
CA ASP A 114 -18.55 14.88 -31.49
C ASP A 114 -19.78 15.56 -30.90
N ASP A 115 -20.89 14.86 -30.72
CA ASP A 115 -21.91 15.36 -29.79
C ASP A 115 -21.60 14.99 -28.34
N VAL A 116 -21.01 13.83 -28.14
CA VAL A 116 -20.72 13.38 -26.78
C VAL A 116 -19.52 14.12 -26.15
N LYS A 117 -18.51 14.47 -26.95
CA LYS A 117 -17.37 15.25 -26.44
C LYS A 117 -17.80 16.69 -26.09
N ALA A 118 -18.83 17.18 -26.76
CA ALA A 118 -19.38 18.51 -26.49
C ALA A 118 -20.19 18.46 -25.20
N ALA A 119 -21.09 17.48 -25.11
CA ALA A 119 -21.97 17.33 -23.96
C ALA A 119 -21.13 17.13 -22.70
N THR A 120 -19.95 16.53 -22.88
CA THR A 120 -19.00 16.40 -21.79
C THR A 120 -18.57 17.78 -21.30
N HIS A 121 -18.17 18.64 -22.24
CA HIS A 121 -17.75 19.99 -21.91
C HIS A 121 -18.89 20.81 -21.31
N LYS A 122 -20.09 20.68 -21.87
CA LYS A 122 -21.21 21.49 -21.40
C LYS A 122 -21.64 21.04 -20.01
N PHE A 123 -21.32 19.80 -19.67
CA PHE A 123 -21.56 19.35 -18.31
C PHE A 123 -20.58 19.98 -17.33
N PHE A 124 -19.29 19.94 -17.64
CA PHE A 124 -18.29 20.45 -16.71
C PHE A 124 -18.29 21.97 -16.67
N ASN A 125 -18.85 22.58 -17.71
CA ASN A 125 -18.97 24.02 -17.77
C ASN A 125 -20.28 24.50 -17.15
N LEU A 126 -21.07 23.55 -16.66
CA LEU A 126 -22.28 23.89 -15.92
C LEU A 126 -21.93 24.66 -14.67
N PRO A 127 -22.86 25.50 -14.19
CA PRO A 127 -22.65 26.13 -12.88
C PRO A 127 -22.45 25.06 -11.80
N VAL A 128 -21.56 25.33 -10.84
CA VAL A 128 -21.21 24.39 -9.78
C VAL A 128 -22.39 23.95 -8.93
N GLU A 129 -23.32 24.87 -8.68
CA GLU A 129 -24.54 24.59 -7.92
C GLU A 129 -25.29 23.36 -8.45
N GLU A 130 -25.27 23.16 -9.76
CA GLU A 130 -26.00 22.05 -10.36
C GLU A 130 -25.17 20.75 -10.47
N LYS A 131 -23.85 20.86 -10.47
CA LYS A 131 -23.05 19.63 -10.56
C LYS A 131 -22.77 19.05 -9.17
N ARG A 132 -23.09 19.81 -8.11
CA ARG A 132 -22.99 19.26 -6.76
C ARG A 132 -24.03 18.19 -6.55
N LYS A 133 -25.04 18.20 -7.43
CA LYS A 133 -26.19 17.31 -7.32
C LYS A 133 -25.89 15.85 -7.64
N PHE A 134 -24.69 15.58 -8.12
CA PHE A 134 -24.34 14.24 -8.56
C PHE A 134 -23.17 13.66 -7.77
N THR A 135 -22.87 14.25 -6.63
CA THR A 135 -21.86 13.71 -5.74
C THR A 135 -22.41 12.47 -5.03
N LYS A 136 -21.56 11.74 -4.33
CA LYS A 136 -21.98 10.54 -3.64
C LYS A 136 -23.06 10.83 -2.60
N GLU A 137 -23.09 12.06 -2.12
CA GLU A 137 -24.07 12.47 -1.11
C GLU A 137 -25.34 13.00 -1.72
N ASN A 138 -25.23 13.61 -2.90
CA ASN A 138 -26.37 14.28 -3.52
C ASN A 138 -27.02 13.52 -4.67
N SER A 139 -26.25 12.67 -5.35
CA SER A 139 -26.80 11.86 -6.42
C SER A 139 -27.85 10.92 -5.81
N LEU A 140 -29.04 10.88 -6.40
CA LEU A 140 -30.10 10.05 -5.84
C LEU A 140 -29.92 8.57 -6.20
N SER A 141 -28.90 8.27 -7.00
CA SER A 141 -28.53 6.89 -7.27
C SER A 141 -27.02 6.73 -7.20
N THR A 142 -26.58 5.58 -6.69
CA THR A 142 -25.16 5.27 -6.61
C THR A 142 -24.59 4.91 -7.97
N THR A 143 -25.48 4.67 -8.93
CA THR A 143 -25.06 4.29 -10.28
C THR A 143 -24.54 5.52 -10.99
N VAL A 144 -24.83 6.68 -10.41
CA VAL A 144 -24.35 7.96 -10.94
C VAL A 144 -23.53 8.67 -9.87
N ARG A 145 -22.36 9.18 -10.24
CA ARG A 145 -21.57 9.94 -9.27
C ARG A 145 -20.58 10.91 -9.91
N PHE A 146 -20.75 12.19 -9.61
CA PHE A 146 -19.76 13.19 -9.96
C PHE A 146 -18.80 13.30 -8.79
N GLY A 147 -17.52 13.14 -9.05
CA GLY A 147 -16.54 13.21 -7.98
C GLY A 147 -15.28 13.85 -8.47
N THR A 148 -14.28 13.94 -7.60
CA THR A 148 -13.02 14.57 -7.98
C THR A 148 -11.81 14.05 -7.22
N SER A 149 -10.63 14.29 -7.78
CA SER A 149 -9.34 13.90 -7.18
C SER A 149 -9.34 12.51 -6.58
N PHE A 150 -9.04 11.51 -7.40
CA PHE A 150 -9.15 10.11 -6.99
C PHE A 150 -7.83 9.59 -6.42
N SER A 151 -7.93 8.60 -5.55
CA SER A 151 -6.79 7.80 -5.13
C SER A 151 -7.30 6.52 -4.47
N PRO A 152 -6.83 5.37 -4.96
CA PRO A 152 -7.23 4.05 -4.47
C PRO A 152 -6.93 3.85 -3.00
N LEU A 153 -5.77 4.36 -2.59
CA LEU A 153 -5.24 4.09 -1.26
C LEU A 153 -5.30 5.31 -0.36
N ALA A 154 -4.96 5.14 0.91
CA ALA A 154 -4.85 6.26 1.84
C ALA A 154 -3.40 6.76 1.87
N GLU A 155 -3.22 8.02 2.29
CA GLU A 155 -1.90 8.65 2.34
C GLU A 155 -1.18 8.64 0.98
N GLN A 156 -1.95 8.65 -0.10
CA GLN A 156 -1.37 8.58 -1.43
C GLN A 156 -1.69 9.85 -2.22
N ALA A 157 -0.87 10.15 -3.23
CA ALA A 157 -1.05 11.34 -4.05
C ALA A 157 -2.36 11.23 -4.84
N LEU A 158 -3.05 12.35 -4.99
CA LEU A 158 -4.30 12.37 -5.73
C LEU A 158 -4.04 12.74 -7.18
N GLU A 159 -4.93 12.29 -8.07
CA GLU A 159 -4.81 12.61 -9.48
C GLU A 159 -5.50 13.93 -9.83
N TRP A 160 -4.88 14.66 -10.76
CA TRP A 160 -5.42 15.94 -11.25
C TRP A 160 -6.50 15.69 -12.30
N LYS A 161 -7.72 15.44 -11.82
CA LYS A 161 -8.80 14.95 -12.66
C LYS A 161 -10.18 15.12 -12.03
N ASP A 162 -11.14 15.59 -12.82
CA ASP A 162 -12.55 15.52 -12.44
C ASP A 162 -13.26 14.48 -13.32
N TYR A 163 -14.34 13.90 -12.82
CA TYR A 163 -15.03 12.87 -13.58
C TYR A 163 -16.52 12.83 -13.30
N LEU A 164 -17.23 12.12 -14.16
CA LEU A 164 -18.62 11.76 -13.93
C LEU A 164 -18.79 10.29 -14.33
N SER A 165 -18.87 9.42 -13.33
CA SER A 165 -18.97 7.99 -13.51
C SER A 165 -20.42 7.54 -13.70
N LEU A 166 -20.72 6.98 -14.87
CA LEU A 166 -22.07 6.54 -15.17
C LEU A 166 -22.16 5.03 -15.39
N PHE A 167 -22.72 4.33 -14.41
CA PHE A 167 -22.93 2.89 -14.53
C PHE A 167 -24.28 2.64 -15.18
N PHE A 168 -24.28 1.88 -16.27
CA PHE A 168 -25.53 1.71 -17.00
C PHE A 168 -26.38 0.58 -16.45
N VAL A 169 -27.63 0.90 -16.15
CA VAL A 169 -28.61 -0.07 -15.67
C VAL A 169 -29.70 -0.22 -16.72
N SER A 170 -30.31 0.90 -17.06
CA SER A 170 -31.46 0.98 -17.94
C SER A 170 -31.50 2.36 -18.56
N GLU A 171 -32.38 2.59 -19.53
CA GLU A 171 -32.62 3.95 -19.98
C GLU A 171 -33.50 4.66 -18.95
N ALA A 172 -34.30 3.86 -18.23
CA ALA A 172 -35.18 4.37 -17.19
C ALA A 172 -34.36 5.01 -16.09
N GLU A 173 -33.29 4.34 -15.67
CA GLU A 173 -32.50 4.89 -14.59
C GLU A 173 -31.53 5.94 -15.12
N ALA A 174 -31.43 6.08 -16.44
CA ALA A 174 -30.74 7.22 -17.02
C ALA A 174 -31.60 8.48 -16.95
N GLU A 175 -32.84 8.36 -17.39
CA GLU A 175 -33.82 9.44 -17.32
C GLU A 175 -33.89 10.09 -15.94
N GLN A 176 -33.89 9.26 -14.91
CA GLN A 176 -34.18 9.72 -13.57
C GLN A 176 -32.93 10.20 -12.83
N PHE A 177 -31.75 9.77 -13.29
CA PHE A 177 -30.53 10.05 -12.53
C PHE A 177 -29.37 10.64 -13.33
N TRP A 178 -29.41 10.54 -14.65
CA TRP A 178 -28.35 11.14 -15.46
C TRP A 178 -28.61 12.61 -15.74
N PRO A 179 -27.55 13.42 -15.80
CA PRO A 179 -27.68 14.85 -16.09
C PRO A 179 -28.36 15.08 -17.43
N ASP A 180 -29.33 15.99 -17.47
CA ASP A 180 -30.17 16.17 -18.66
C ASP A 180 -29.37 16.82 -19.78
N ILE A 181 -28.28 17.49 -19.41
CA ILE A 181 -27.50 18.27 -20.36
C ILE A 181 -26.55 17.38 -21.17
N CYS A 182 -26.53 16.09 -20.86
CA CYS A 182 -25.61 15.17 -21.53
C CYS A 182 -26.07 13.70 -21.54
N ARG A 183 -27.38 13.47 -21.38
CA ARG A 183 -27.88 12.11 -21.29
C ARG A 183 -28.05 11.43 -22.64
N ASN A 184 -28.81 12.07 -23.52
CA ASN A 184 -29.13 11.52 -24.83
C ASN A 184 -27.89 11.28 -25.69
N GLU A 185 -26.92 12.18 -25.60
CA GLU A 185 -25.68 12.04 -26.34
C GLU A 185 -24.92 10.82 -25.84
N THR A 186 -24.94 10.64 -24.52
CA THR A 186 -24.22 9.54 -23.90
C THR A 186 -24.89 8.21 -24.24
N LEU A 187 -26.21 8.16 -24.08
CA LEU A 187 -26.97 6.97 -24.42
C LEU A 187 -26.73 6.60 -25.87
N GLU A 188 -26.82 7.58 -26.75
CA GLU A 188 -26.70 7.32 -28.17
C GLU A 188 -25.28 6.84 -28.48
N TYR A 189 -24.33 7.35 -27.71
CA TYR A 189 -22.92 6.98 -27.88
C TYR A 189 -22.67 5.55 -27.40
N ILE A 190 -23.44 5.09 -26.43
CA ILE A 190 -23.40 3.70 -25.96
C ILE A 190 -24.05 2.79 -26.98
N ASN A 191 -25.22 3.23 -27.43
CA ASN A 191 -26.03 2.56 -28.45
C ASN A 191 -25.26 2.17 -29.71
N LYS A 192 -24.47 3.12 -30.20
CA LYS A 192 -23.78 2.96 -31.47
C LYS A 192 -22.45 2.24 -31.28
N SER A 193 -21.83 2.47 -30.14
CA SER A 193 -20.55 1.84 -29.81
C SER A 193 -20.68 0.33 -29.59
N LYS A 194 -21.82 -0.09 -29.06
CA LYS A 194 -22.01 -1.48 -28.62
C LYS A 194 -22.01 -2.49 -29.77
N LYS A 195 -22.35 -2.06 -30.99
CA LYS A 195 -22.23 -2.99 -32.12
C LYS A 195 -20.80 -3.11 -32.61
N VAL A 197 -18.36 -2.97 -30.65
CA VAL A 197 -17.86 -3.86 -29.60
C VAL A 197 -18.10 -5.33 -29.94
N ARG A 198 -19.33 -5.63 -30.37
CA ARG A 198 -19.70 -7.00 -30.75
C ARG A 198 -18.77 -7.52 -31.84
N ARG A 199 -18.45 -6.66 -32.81
CA ARG A 199 -17.58 -7.04 -33.90
C ARG A 199 -16.19 -7.38 -33.39
N LEU A 200 -15.69 -6.54 -32.49
CA LEU A 200 -14.35 -6.72 -31.93
C LEU A 200 -14.22 -8.01 -31.15
N LEU A 201 -15.24 -8.37 -30.39
CA LEU A 201 -15.21 -9.59 -29.59
C LEU A 201 -15.24 -10.83 -30.46
N GLU A 202 -16.13 -10.82 -31.46
CA GLU A 202 -16.27 -11.95 -32.36
C GLU A 202 -15.04 -12.04 -33.26
N TYR A 203 -14.24 -10.98 -33.29
CA TYR A 203 -12.89 -11.11 -33.78
C TYR A 203 -12.21 -11.90 -32.68
N LEU A 204 -11.52 -11.19 -31.77
CA LEU A 204 -10.91 -11.74 -30.53
C LEU A 204 -11.05 -13.25 -30.25
N GLY A 205 -12.24 -13.80 -30.43
CA GLY A 205 -12.42 -15.24 -30.29
C GLY A 205 -11.62 -16.15 -31.23
N LYS A 206 -11.23 -15.64 -32.40
CA LYS A 206 -10.22 -16.22 -33.32
C LYS A 206 -9.32 -17.31 -32.77
N ASN A 207 -8.25 -16.86 -32.09
CA ASN A 207 -7.23 -17.70 -31.47
C ASN A 207 -7.72 -18.29 -30.15
N LEU A 208 -8.84 -17.79 -29.65
CA LEU A 208 -9.48 -18.34 -28.46
C LEU A 208 -10.40 -19.50 -28.83
N ASN A 209 -10.45 -19.83 -30.12
CA ASN A 209 -11.31 -20.90 -30.62
C ASN A 209 -12.77 -20.74 -30.23
N VAL A 210 -13.25 -19.50 -30.24
CA VAL A 210 -14.65 -19.19 -30.04
C VAL A 210 -15.21 -18.46 -31.25
N LYS A 211 -15.82 -19.21 -32.17
CA LYS A 211 -16.15 -18.67 -33.48
C LYS A 211 -17.48 -17.89 -33.48
N GLU A 212 -18.32 -18.10 -32.47
CA GLU A 212 -19.50 -17.25 -32.34
C GLU A 212 -19.75 -16.81 -30.89
N LEU A 213 -20.13 -15.55 -30.74
CA LEU A 213 -20.58 -15.00 -29.46
C LEU A 213 -21.89 -15.65 -29.02
N ASP A 214 -21.92 -16.24 -27.84
CA ASP A 214 -23.18 -16.77 -27.31
C ASP A 214 -23.58 -15.94 -26.07
N GLU A 215 -24.69 -16.33 -25.45
CA GLU A 215 -25.38 -15.55 -24.45
C GLU A 215 -24.81 -15.67 -23.02
N THR A 216 -24.06 -16.74 -22.75
CA THR A 216 -23.42 -16.86 -21.45
C THR A 216 -22.17 -16.01 -21.51
N LYS A 217 -21.47 -16.10 -22.64
CA LYS A 217 -20.22 -15.37 -22.79
C LYS A 217 -20.47 -13.88 -23.00
N GLU A 218 -21.69 -13.55 -23.42
CA GLU A 218 -22.04 -12.17 -23.66
C GLU A 218 -22.12 -11.43 -22.33
N SER A 219 -22.40 -12.17 -21.27
CA SER A 219 -22.48 -11.61 -19.92
C SER A 219 -21.11 -11.63 -19.30
N LEU A 220 -20.22 -12.45 -19.86
CA LEU A 220 -18.87 -12.56 -19.38
C LEU A 220 -18.01 -11.46 -19.99
N PHE A 221 -18.45 -10.95 -21.14
CA PHE A 221 -17.70 -9.94 -21.86
C PHE A 221 -18.39 -8.58 -21.86
N GLY A 223 -21.36 -7.98 -20.10
CA GLY A 223 -22.39 -8.08 -19.08
C GLY A 223 -22.78 -6.75 -18.48
N SER A 224 -21.79 -5.94 -18.13
CA SER A 224 -22.05 -4.64 -17.51
C SER A 224 -21.25 -3.55 -18.21
N ILE A 225 -21.83 -2.35 -18.26
CA ILE A 225 -21.22 -1.22 -18.94
C ILE A 225 -21.10 0.00 -18.02
N ARG A 226 -19.93 0.63 -18.02
CA ARG A 226 -19.76 1.87 -17.25
C ARG A 226 -19.01 2.88 -18.10
N VAL A 227 -19.46 4.13 -18.05
CA VAL A 227 -18.84 5.18 -18.83
C VAL A 227 -18.48 6.38 -17.97
N ASN A 228 -17.24 6.85 -18.09
CA ASN A 228 -16.81 8.02 -17.37
C ASN A 228 -16.67 9.22 -18.28
N LEU A 229 -17.17 10.36 -17.83
CA LEU A 229 -16.93 11.62 -18.52
C LEU A 229 -15.77 12.32 -17.82
N ASN A 230 -14.60 12.28 -18.44
CA ASN A 230 -13.40 12.83 -17.83
C ASN A 230 -13.08 14.24 -18.28
N TYR A 231 -12.58 15.07 -17.37
CA TYR A 231 -12.15 16.41 -17.72
C TYR A 231 -10.80 16.67 -17.05
N TYR A 232 -9.81 17.02 -17.87
CA TYR A 232 -8.47 17.32 -17.34
C TYR A 232 -8.17 18.78 -17.58
N PRO A 233 -8.38 19.62 -16.56
CA PRO A 233 -8.12 21.06 -16.67
C PRO A 233 -6.63 21.33 -16.78
N ILE A 234 -6.27 22.51 -17.28
CA ILE A 234 -4.87 22.89 -17.41
C ILE A 234 -4.21 22.86 -16.01
N CYS A 235 -2.97 22.37 -15.97
CA CYS A 235 -2.27 22.17 -14.71
C CYS A 235 -1.07 23.11 -14.61
N PRO A 236 -0.92 23.80 -13.47
CA PRO A 236 0.21 24.72 -13.29
C PRO A 236 1.56 24.04 -13.27
N ASN A 237 1.64 22.85 -12.69
CA ASN A 237 2.90 22.12 -12.59
C ASN A 237 2.73 20.71 -13.12
N PRO A 238 2.60 20.56 -14.44
CA PRO A 238 2.25 19.30 -15.13
C PRO A 238 3.15 18.11 -14.80
N ASP A 239 4.38 18.39 -14.39
CA ASP A 239 5.40 17.36 -14.23
C ASP A 239 5.30 16.69 -12.84
N LEU A 240 4.72 17.37 -11.87
CA LEU A 240 4.63 16.80 -10.54
C LEU A 240 3.47 15.83 -10.40
N THR A 241 2.42 16.06 -11.19
CA THR A 241 1.23 15.22 -11.10
C THR A 241 0.92 14.52 -12.42
N VAL A 242 -0.14 13.72 -12.40
CA VAL A 242 -0.59 12.98 -13.57
C VAL A 242 -2.09 13.16 -13.74
N GLY A 243 -2.63 12.69 -14.86
CA GLY A 243 -4.06 12.60 -15.01
C GLY A 243 -4.53 11.31 -14.37
N VAL A 244 -3.79 10.24 -14.66
CA VAL A 244 -4.04 8.90 -14.11
C VAL A 244 -2.70 8.16 -13.88
N GLY A 245 -2.52 7.62 -12.67
CA GLY A 245 -1.31 6.87 -12.34
C GLY A 245 -1.19 5.53 -13.06
N ARG A 246 -0.03 4.89 -12.92
CA ARG A 246 0.26 3.62 -13.59
C ARG A 246 -0.80 2.58 -13.21
N HIS A 247 -1.43 1.96 -14.21
CA HIS A 247 -2.44 0.94 -13.91
C HIS A 247 -2.82 0.08 -15.12
N SER A 248 -3.51 -1.01 -14.83
CA SER A 248 -4.14 -1.86 -15.85
C SER A 248 -5.63 -1.89 -15.62
N ASP A 249 -6.42 -1.69 -16.67
CA ASP A 249 -7.87 -1.71 -16.51
C ASP A 249 -8.33 -3.10 -16.08
N VAL A 250 -9.34 -3.14 -15.20
CA VAL A 250 -9.93 -4.40 -14.74
C VAL A 250 -11.15 -4.76 -15.58
N SER A 251 -11.30 -4.07 -16.70
CA SER A 251 -12.41 -4.29 -17.61
C SER A 251 -12.25 -5.57 -18.40
N SER A 252 -13.19 -5.83 -19.30
CA SER A 252 -12.98 -6.87 -20.30
C SER A 252 -12.15 -6.22 -21.39
N LEU A 253 -12.62 -5.06 -21.83
CA LEU A 253 -11.89 -4.17 -22.72
C LEU A 253 -12.48 -2.79 -22.51
N THR A 254 -11.79 -1.73 -22.91
CA THR A 254 -12.29 -0.41 -22.58
C THR A 254 -12.94 0.35 -23.73
N ILE A 255 -12.16 0.93 -24.64
CA ILE A 255 -12.59 1.84 -25.72
C ILE A 255 -12.46 3.28 -25.24
N LEU A 256 -11.52 3.99 -25.83
CA LEU A 256 -11.22 5.36 -25.44
C LEU A 256 -11.51 6.37 -26.54
N LEU A 257 -12.38 7.33 -26.24
CA LEU A 257 -12.59 8.47 -27.12
C LEU A 257 -11.84 9.65 -26.54
N GLN A 258 -10.74 10.03 -27.19
CA GLN A 258 -9.94 11.16 -26.76
C GLN A 258 -10.41 12.44 -27.41
N ASP A 259 -9.92 13.57 -26.91
CA ASP A 259 -10.12 14.83 -27.59
C ASP A 259 -8.94 14.99 -28.54
N GLN A 260 -8.64 16.20 -28.98
CA GLN A 260 -7.64 16.34 -30.04
C GLN A 260 -6.23 16.63 -29.52
N ILE A 261 -6.09 16.80 -28.22
CA ILE A 261 -4.76 16.86 -27.62
C ILE A 261 -4.28 15.46 -27.26
N GLY A 262 -5.15 14.70 -26.59
CA GLY A 262 -4.81 13.36 -26.15
C GLY A 262 -3.98 13.39 -24.89
N GLY A 263 -3.02 12.47 -24.78
CA GLY A 263 -2.16 12.41 -23.61
C GLY A 263 -2.06 11.03 -22.99
N LEU A 264 -2.53 10.02 -23.70
CA LEU A 264 -2.41 8.64 -23.24
C LEU A 264 -0.96 8.16 -23.35
N HIS A 265 -0.49 7.47 -22.31
CA HIS A 265 0.88 6.99 -22.27
C HIS A 265 0.86 5.49 -21.99
N VAL A 266 1.40 4.70 -22.91
CA VAL A 266 1.37 3.24 -22.79
C VAL A 266 2.77 2.62 -22.71
N ARG A 267 2.93 1.70 -21.78
CA ARG A 267 4.20 0.98 -21.62
C ARG A 267 4.22 -0.24 -22.54
N SER A 268 5.23 -0.33 -23.39
CA SER A 268 5.32 -1.41 -24.35
C SER A 268 5.80 -2.72 -23.72
N LEU A 269 5.48 -3.83 -24.38
CA LEU A 269 5.88 -5.14 -23.88
C LEU A 269 7.06 -5.64 -24.67
N ALA A 270 7.32 -5.00 -25.80
CA ALA A 270 8.49 -5.31 -26.61
C ALA A 270 9.71 -4.60 -26.07
N SER A 271 9.73 -3.28 -26.19
CA SER A 271 10.85 -2.45 -25.74
C SER A 271 10.84 -2.25 -24.23
N GLY A 272 9.65 -2.10 -23.66
CA GLY A 272 9.50 -1.82 -22.24
C GLY A 272 9.37 -0.34 -21.97
N ASN A 273 9.51 0.47 -23.02
CA ASN A 273 9.45 1.92 -22.86
C ASN A 273 8.01 2.41 -22.91
N TRP A 274 7.85 3.73 -22.75
CA TRP A 274 6.54 4.35 -22.72
C TRP A 274 6.23 5.11 -23.99
N VAL A 275 5.04 4.88 -24.54
CA VAL A 275 4.64 5.42 -25.82
C VAL A 275 3.51 6.43 -25.67
N HIS A 276 3.66 7.60 -26.30
CA HIS A 276 2.60 8.61 -26.28
C HIS A 276 1.64 8.28 -27.42
N VAL A 277 0.36 8.05 -27.11
CA VAL A 277 -0.58 7.63 -28.13
C VAL A 277 -1.24 8.85 -28.79
N PRO A 278 -0.99 9.02 -30.10
CA PRO A 278 -1.49 10.10 -30.96
C PRO A 278 -3.00 10.07 -31.20
N PRO A 279 -3.69 11.18 -30.89
CA PRO A 279 -5.15 11.25 -31.08
C PRO A 279 -5.52 11.38 -32.55
N VAL A 280 -5.93 10.26 -33.17
CA VAL A 280 -6.13 10.17 -34.62
C VAL A 280 -7.51 10.72 -35.05
N ALA A 281 -7.62 11.15 -36.29
CA ALA A 281 -8.88 11.62 -36.87
C ALA A 281 -9.95 10.54 -36.84
N GLY A 282 -10.99 10.78 -36.03
CA GLY A 282 -12.14 9.90 -35.94
C GLY A 282 -11.73 8.52 -35.45
N SER A 283 -11.28 8.47 -34.20
CA SER A 283 -10.63 7.26 -33.70
C SER A 283 -11.11 6.81 -32.33
N PHE A 284 -11.02 5.51 -32.10
CA PHE A 284 -11.19 4.93 -30.76
C PHE A 284 -9.91 4.26 -30.38
N VAL A 285 -9.60 4.29 -29.09
CA VAL A 285 -8.49 3.53 -28.56
C VAL A 285 -9.04 2.40 -27.71
N ILE A 286 -8.73 1.17 -28.11
CA ILE A 286 -9.20 -0.03 -27.45
C ILE A 286 -7.97 -0.65 -26.81
N ASN A 287 -8.05 -1.11 -25.58
CA ASN A 287 -6.83 -1.71 -25.02
C ASN A 287 -6.94 -3.20 -24.68
N ILE A 288 -7.49 -3.57 -23.52
CA ILE A 288 -7.64 -4.96 -22.98
C ILE A 288 -7.76 -4.80 -21.48
N GLY A 289 -8.52 -5.69 -20.84
CA GLY A 289 -8.66 -5.64 -19.40
C GLY A 289 -8.27 -6.92 -18.71
N ASP A 290 -8.25 -6.89 -17.39
CA ASP A 290 -7.90 -8.07 -16.60
C ASP A 290 -8.83 -9.23 -16.89
N ALA A 291 -10.12 -8.92 -17.07
CA ALA A 291 -11.13 -9.95 -17.31
C ALA A 291 -10.85 -10.72 -18.59
N GLN A 293 -7.89 -10.95 -20.04
CA GLN A 293 -6.62 -11.63 -19.88
C GLN A 293 -6.82 -12.94 -19.11
N ILE A 294 -7.65 -12.87 -18.07
CA ILE A 294 -7.97 -14.06 -17.29
C ILE A 294 -8.67 -15.12 -18.16
N SER A 296 -8.77 -15.47 -21.32
CA SER A 296 -7.96 -15.91 -22.45
C SER A 296 -6.78 -16.75 -21.98
N ASN A 297 -6.77 -17.06 -20.68
CA ASN A 297 -5.70 -17.82 -20.04
C ASN A 297 -4.31 -17.18 -20.23
N GLY A 298 -4.27 -15.84 -20.20
CA GLY A 298 -3.01 -15.12 -20.29
C GLY A 298 -2.57 -14.78 -21.70
N LEU A 299 -3.37 -15.18 -22.69
CA LEU A 299 -3.06 -14.93 -24.10
C LEU A 299 -3.05 -13.44 -24.40
N TYR A 300 -4.11 -12.75 -23.95
CA TYR A 300 -4.21 -11.32 -24.11
C TYR A 300 -3.63 -10.64 -22.89
N LYS A 301 -3.02 -9.48 -23.11
CA LYS A 301 -2.28 -8.80 -22.05
C LYS A 301 -2.99 -7.53 -21.63
N SER A 302 -3.32 -7.44 -20.34
CA SER A 302 -3.79 -6.18 -19.76
C SER A 302 -2.56 -5.39 -19.32
N VAL A 303 -2.25 -4.31 -20.03
CA VAL A 303 -0.96 -3.65 -19.83
C VAL A 303 -1.08 -2.29 -19.14
N GLU A 304 0.02 -1.84 -18.54
CA GLU A 304 0.04 -0.58 -17.81
C GLU A 304 -0.02 0.64 -18.71
N HIS A 305 -0.73 1.65 -18.24
CA HIS A 305 -0.87 2.90 -18.98
C HIS A 305 -1.20 4.06 -18.04
N ARG A 306 -0.78 5.27 -18.45
CA ARG A 306 -0.95 6.48 -17.65
C ARG A 306 -1.74 7.54 -18.42
N VAL A 307 -1.98 8.66 -17.77
CA VAL A 307 -2.50 9.85 -18.43
C VAL A 307 -1.69 11.05 -17.99
N LEU A 308 -1.07 11.73 -18.93
CA LEU A 308 -0.21 12.79 -18.57
C LEU A 308 -1.01 13.98 -18.20
N ALA A 309 -0.38 14.87 -17.45
CA ALA A 309 -0.99 16.12 -17.11
C ALA A 309 -0.45 17.12 -18.09
N ASN A 310 -1.30 18.00 -18.58
CA ASN A 310 -0.89 18.97 -19.54
C ASN A 310 -0.93 20.30 -18.88
N GLY A 311 -0.01 21.15 -19.22
CA GLY A 311 0.10 22.41 -18.55
C GLY A 311 -0.45 23.50 -19.38
N TYR A 312 -0.92 23.16 -20.57
CA TYR A 312 -1.34 24.17 -21.49
C TYR A 312 -2.77 24.16 -21.88
N ASN A 313 -3.42 23.02 -21.86
CA ASN A 313 -4.81 22.98 -22.30
C ASN A 313 -5.69 22.14 -21.40
N ASN A 314 -6.99 22.42 -21.44
CA ASN A 314 -7.96 21.55 -20.80
C ASN A 314 -8.27 20.42 -21.74
N ARG A 315 -8.43 19.21 -21.21
CA ARG A 315 -8.72 18.05 -22.04
C ARG A 315 -9.89 17.30 -21.48
N ILE A 316 -10.57 16.56 -22.35
CA ILE A 316 -11.60 15.65 -21.91
C ILE A 316 -11.37 14.28 -22.50
N SER A 317 -12.08 13.31 -21.94
CA SER A 317 -11.90 11.92 -22.32
C SER A 317 -13.17 11.18 -21.98
N VAL A 318 -13.65 10.34 -22.90
CA VAL A 318 -14.86 9.58 -22.65
C VAL A 318 -14.59 8.10 -22.81
N PRO A 319 -14.06 7.46 -21.76
CA PRO A 319 -13.87 6.00 -21.79
C PRO A 319 -15.17 5.26 -21.50
N ILE A 320 -15.36 4.13 -22.18
CA ILE A 320 -16.43 3.20 -21.87
C ILE A 320 -15.80 1.96 -21.27
N PHE A 321 -16.27 1.50 -20.12
CA PHE A 321 -15.66 0.30 -19.58
C PHE A 321 -16.59 -0.90 -19.77
N VAL A 322 -16.21 -1.75 -20.73
CA VAL A 322 -16.95 -2.97 -21.02
C VAL A 322 -16.50 -4.09 -20.09
N ASN A 323 -17.43 -4.60 -19.30
CA ASN A 323 -17.13 -5.51 -18.20
C ASN A 323 -17.97 -6.77 -18.23
N PRO A 324 -17.54 -7.82 -17.51
CA PRO A 324 -18.47 -8.90 -17.21
C PRO A 324 -19.57 -8.39 -16.29
N LYS A 325 -20.59 -9.18 -16.03
CA LYS A 325 -21.56 -8.79 -15.00
C LYS A 325 -20.83 -8.88 -13.67
N PRO A 326 -21.28 -8.12 -12.66
CA PRO A 326 -20.62 -8.16 -11.36
C PRO A 326 -20.58 -9.58 -10.76
N GLU A 327 -21.63 -10.36 -10.98
CA GLU A 327 -21.71 -11.70 -10.42
C GLU A 327 -21.22 -12.74 -11.42
N SER A 328 -20.52 -12.29 -12.45
CA SER A 328 -19.97 -13.22 -13.42
C SER A 328 -18.76 -13.90 -12.80
N VAL A 329 -18.74 -15.23 -12.86
CA VAL A 329 -17.57 -15.98 -12.44
C VAL A 329 -16.66 -16.15 -13.63
N ILE A 330 -15.60 -15.36 -13.67
CA ILE A 330 -14.70 -15.44 -14.81
C ILE A 330 -13.56 -16.37 -14.48
N GLY A 331 -12.87 -16.83 -15.52
CA GLY A 331 -11.79 -17.77 -15.37
C GLY A 331 -11.42 -18.19 -16.78
N PRO A 332 -10.34 -18.96 -16.93
CA PRO A 332 -9.94 -19.42 -18.27
C PRO A 332 -11.10 -20.10 -18.99
N LEU A 333 -11.43 -19.62 -20.18
CA LEU A 333 -12.50 -20.20 -20.98
C LEU A 333 -12.19 -21.66 -21.27
N PRO A 334 -13.20 -22.53 -21.20
CA PRO A 334 -13.02 -23.96 -21.47
C PRO A 334 -12.43 -24.22 -22.86
N GLU A 335 -12.71 -23.32 -23.78
CA GLU A 335 -12.27 -23.45 -25.15
C GLU A 335 -10.77 -23.20 -25.32
N VAL A 336 -10.16 -22.57 -24.32
CA VAL A 336 -8.73 -22.28 -24.35
C VAL A 336 -7.92 -23.40 -23.68
N ILE A 337 -8.58 -24.17 -22.83
CA ILE A 337 -7.92 -25.23 -22.06
C ILE A 337 -8.12 -26.66 -22.62
N ALA A 338 -8.93 -26.81 -23.67
CA ALA A 338 -9.28 -28.14 -24.18
C ALA A 338 -8.16 -28.95 -24.87
N ASN A 339 -7.23 -28.27 -25.51
CA ASN A 339 -6.16 -28.92 -26.27
C ASN A 339 -4.98 -29.40 -25.43
N GLY A 340 -5.24 -29.67 -24.16
CA GLY A 340 -4.22 -30.08 -23.22
C GLY A 340 -3.36 -29.00 -22.60
N GLU A 341 -3.79 -27.75 -22.71
CA GLU A 341 -3.10 -26.65 -22.07
C GLU A 341 -3.55 -26.62 -20.61
N GLU A 342 -2.73 -26.06 -19.72
CA GLU A 342 -3.12 -25.98 -18.30
C GLU A 342 -3.60 -24.59 -17.93
N PRO A 343 -4.62 -24.52 -17.06
CA PRO A 343 -5.20 -23.25 -16.58
C PRO A 343 -4.27 -22.50 -15.64
N ILE A 344 -4.07 -21.21 -15.95
CA ILE A 344 -3.20 -20.34 -15.20
C ILE A 344 -3.94 -19.62 -14.06
N TYR A 345 -5.26 -19.55 -14.19
CA TYR A 345 -6.06 -18.82 -13.22
C TYR A 345 -7.12 -19.66 -12.52
N ARG A 346 -7.43 -19.28 -11.29
CA ARG A 346 -8.60 -19.79 -10.59
C ARG A 346 -9.83 -19.16 -11.24
N ASP A 347 -11.00 -19.72 -10.98
CA ASP A 347 -12.22 -19.02 -11.37
C ASP A 347 -12.58 -18.19 -10.16
N VAL A 348 -12.86 -16.91 -10.38
CA VAL A 348 -13.07 -15.98 -9.27
C VAL A 348 -14.28 -15.10 -9.57
N LEU A 349 -15.02 -14.75 -8.53
CA LEU A 349 -16.14 -13.83 -8.68
C LEU A 349 -15.64 -12.43 -9.07
N TYR A 350 -16.27 -11.83 -10.07
CA TYR A 350 -15.80 -10.55 -10.60
C TYR A 350 -15.91 -9.43 -9.59
N SER A 351 -17.01 -9.41 -8.85
CA SER A 351 -17.24 -8.37 -7.86
C SER A 351 -16.24 -8.48 -6.72
N ASP A 352 -15.88 -9.70 -6.33
CA ASP A 352 -14.89 -9.90 -5.26
C ASP A 352 -13.49 -9.54 -5.73
N TYR A 353 -13.29 -9.59 -7.05
CA TYR A 353 -11.99 -9.24 -7.64
C TYR A 353 -11.74 -7.75 -7.66
N VAL A 354 -12.72 -6.98 -8.12
CA VAL A 354 -12.57 -5.52 -8.17
C VAL A 354 -12.68 -4.91 -6.76
N LYS A 355 -13.31 -5.65 -5.85
CA LYS A 355 -13.42 -5.23 -4.46
C LYS A 355 -12.24 -5.72 -3.63
N GLU B 27 29.38 22.19 25.55
CA GLU B 27 28.09 21.51 25.69
C GLU B 27 28.33 19.99 25.77
N VAL B 28 27.31 19.25 26.20
CA VAL B 28 27.43 17.81 26.41
C VAL B 28 26.93 16.97 25.24
N THR B 29 26.07 17.55 24.41
CA THR B 29 25.54 16.84 23.24
C THR B 29 26.63 16.31 22.31
N ASP B 30 27.72 17.06 22.18
CA ASP B 30 28.80 16.67 21.28
C ASP B 30 29.45 15.35 21.70
N PHE B 31 29.86 15.27 22.96
CA PHE B 31 30.49 14.07 23.51
C PHE B 31 29.57 12.86 23.40
N VAL B 32 28.33 13.01 23.85
CA VAL B 32 27.38 11.90 23.86
C VAL B 32 26.94 11.47 22.47
N VAL B 33 26.39 12.39 21.70
CA VAL B 33 25.82 12.07 20.39
C VAL B 33 26.82 12.20 19.24
N TYR B 34 27.27 13.42 19.00
CA TYR B 34 28.10 13.73 17.83
C TYR B 34 29.41 12.94 17.81
N LYS B 35 29.94 12.57 18.98
CA LYS B 35 31.17 11.78 19.00
C LYS B 35 30.88 10.32 19.30
N GLY B 36 29.60 9.98 19.36
CA GLY B 36 29.18 8.60 19.46
C GLY B 36 29.51 7.90 20.78
N ASN B 37 29.78 8.68 21.82
CA ASN B 37 30.03 8.09 23.14
C ASN B 37 28.75 7.51 23.72
N GLY B 38 27.62 8.08 23.31
CA GLY B 38 26.33 7.59 23.74
C GLY B 38 26.08 7.85 25.20
N VAL B 39 24.89 7.46 25.67
CA VAL B 39 24.53 7.63 27.06
C VAL B 39 25.26 6.62 27.93
N LYS B 40 25.83 5.59 27.30
CA LYS B 40 26.60 4.60 28.03
C LYS B 40 27.91 5.23 28.49
N GLY B 41 28.62 5.82 27.54
CA GLY B 41 29.87 6.51 27.82
C GLY B 41 29.62 7.68 28.75
N LEU B 42 28.42 8.23 28.69
CA LEU B 42 28.02 9.31 29.57
C LEU B 42 27.78 8.75 30.96
N SER B 43 27.20 7.56 31.02
CA SER B 43 26.97 6.89 32.29
C SER B 43 28.27 6.49 32.97
N GLU B 44 29.30 6.24 32.18
CA GLU B 44 30.58 5.79 32.73
C GLU B 44 31.51 6.93 33.15
N THR B 45 30.95 8.13 33.24
CA THR B 45 31.71 9.27 33.76
C THR B 45 31.26 9.63 35.17
N GLY B 46 30.40 8.82 35.76
CA GLY B 46 29.96 9.08 37.13
C GLY B 46 29.14 10.36 37.25
N ILE B 47 28.04 10.41 36.51
CA ILE B 47 27.23 11.62 36.38
C ILE B 47 26.50 12.06 37.66
N LYS B 48 26.60 13.35 37.95
CA LYS B 48 25.99 13.96 39.12
C LYS B 48 24.48 14.07 38.97
N ALA B 49 24.05 14.74 37.92
CA ALA B 49 22.64 15.04 37.69
C ALA B 49 22.26 14.84 36.24
N LEU B 50 20.99 14.49 36.03
CA LEU B 50 20.48 14.23 34.69
C LEU B 50 20.16 15.56 34.02
N PRO B 51 20.53 15.70 32.73
CA PRO B 51 20.28 16.93 31.96
C PRO B 51 18.81 17.13 31.57
N GLU B 52 18.41 18.37 31.28
CA GLU B 52 17.05 18.73 30.87
C GLU B 52 16.67 17.88 29.67
N GLN B 53 17.70 17.51 28.91
CA GLN B 53 17.58 16.71 27.72
C GLN B 53 16.90 15.40 27.88
N TYR B 54 17.08 14.76 29.02
CA TYR B 54 16.54 13.42 29.25
C TYR B 54 15.32 13.45 30.16
N ILE B 55 15.03 14.62 30.72
CA ILE B 55 13.89 14.75 31.64
C ILE B 55 12.58 14.67 30.86
N GLN B 56 11.85 13.59 31.10
CA GLN B 56 10.63 13.27 30.37
C GLN B 56 9.50 14.26 30.63
N PRO B 57 8.44 14.23 29.79
CA PRO B 57 7.26 15.05 30.02
C PRO B 57 6.58 14.73 31.35
N LEU B 58 5.62 15.57 31.75
CA LEU B 58 4.96 15.41 33.04
C LEU B 58 4.27 14.06 33.20
N GLU B 59 3.32 13.78 32.31
CA GLU B 59 2.52 12.56 32.41
C GLU B 59 3.40 11.34 32.20
N GLU B 60 4.46 11.48 31.43
CA GLU B 60 5.45 10.42 31.28
C GLU B 60 6.08 10.13 32.64
N ARG B 61 6.42 11.19 33.37
CA ARG B 61 7.06 11.04 34.69
C ARG B 61 6.05 10.68 35.79
N LEU B 62 4.76 10.90 35.52
CA LEU B 62 3.71 10.46 36.43
C LEU B 62 3.57 8.94 36.37
N ILE B 63 3.67 8.37 35.17
CA ILE B 63 3.46 6.93 35.00
C ILE B 63 4.62 6.14 35.61
N ASN B 64 5.77 6.78 35.76
CA ASN B 64 6.89 6.17 36.47
C ASN B 64 6.60 5.91 37.95
N LYS B 65 5.85 6.81 38.57
CA LYS B 65 5.60 6.68 39.99
C LYS B 65 4.28 5.99 40.31
N PHE B 66 3.54 5.58 39.29
CA PHE B 66 2.32 4.79 39.48
C PHE B 66 2.66 3.28 39.60
N VAL B 67 2.46 2.69 40.78
CA VAL B 67 2.72 1.26 40.95
C VAL B 67 1.42 0.46 41.02
N ASN B 68 1.47 -0.81 40.66
CA ASN B 68 0.23 -1.54 40.43
C ASN B 68 0.08 -2.77 41.30
N GLU B 69 -1.06 -2.87 42.00
CA GLU B 69 -1.29 -3.91 43.00
C GLU B 69 -2.42 -4.86 42.63
N THR B 70 -2.96 -4.71 41.43
CA THR B 70 -4.11 -5.52 41.00
C THR B 70 -3.76 -6.91 40.49
N ASP B 71 -2.49 -7.28 40.53
CA ASP B 71 -2.04 -8.61 40.10
C ASP B 71 -2.39 -8.93 38.65
N GLU B 72 -2.66 -7.89 37.87
CA GLU B 72 -3.00 -8.06 36.47
C GLU B 72 -1.70 -8.43 35.77
N ALA B 73 -1.75 -9.37 34.83
CA ALA B 73 -0.52 -9.82 34.19
C ALA B 73 -0.69 -10.19 32.73
N ILE B 74 0.42 -10.22 32.03
CA ILE B 74 0.45 -10.56 30.61
C ILE B 74 0.38 -12.07 30.47
N PRO B 75 -0.49 -12.58 29.58
CA PRO B 75 -0.64 -14.03 29.37
C PRO B 75 0.67 -14.73 29.09
N VAL B 76 0.88 -15.87 29.76
CA VAL B 76 2.07 -16.68 29.53
C VAL B 76 1.66 -17.97 28.84
N ILE B 77 2.26 -18.22 27.68
CA ILE B 77 1.88 -19.35 26.86
C ILE B 77 3.05 -20.29 26.67
N ASP B 78 2.82 -21.57 26.95
CA ASP B 78 3.80 -22.60 26.70
C ASP B 78 3.54 -23.17 25.33
N SER B 80 5.15 -25.34 23.66
CA SER B 80 5.49 -26.75 23.54
C SER B 80 4.35 -27.65 23.99
N ASN B 81 3.19 -27.07 24.24
CA ASN B 81 2.07 -27.88 24.67
C ASN B 81 1.60 -28.68 23.46
N PRO B 82 1.55 -30.01 23.60
CA PRO B 82 1.28 -30.99 22.54
C PRO B 82 0.06 -30.63 21.71
N ASP B 83 -1.05 -30.38 22.41
CA ASP B 83 -2.30 -29.97 21.79
C ASP B 83 -2.18 -28.55 21.25
N GLU B 84 -1.86 -28.43 19.97
CA GLU B 84 -1.49 -27.15 19.39
C GLU B 84 -2.74 -26.34 18.96
N ASP B 85 -3.92 -26.91 19.15
CA ASP B 85 -5.13 -26.17 18.83
C ASP B 85 -5.59 -25.37 20.05
N ARG B 86 -5.10 -25.74 21.23
CA ARG B 86 -5.27 -24.94 22.43
C ARG B 86 -4.26 -23.80 22.46
N VAL B 87 -3.03 -24.07 22.02
CA VAL B 87 -1.97 -23.08 22.05
C VAL B 87 -2.26 -22.00 21.02
N ALA B 88 -2.87 -22.39 19.91
CA ALA B 88 -3.35 -21.46 18.89
C ALA B 88 -4.38 -20.50 19.48
N GLU B 89 -5.34 -21.03 20.22
CA GLU B 89 -6.42 -20.20 20.73
C GLU B 89 -5.95 -19.44 21.97
N ALA B 90 -4.84 -19.86 22.55
CA ALA B 90 -4.23 -19.06 23.60
C ALA B 90 -3.57 -17.83 22.97
N VAL B 91 -2.97 -18.02 21.80
CA VAL B 91 -2.30 -16.95 21.09
C VAL B 91 -3.29 -15.94 20.52
N CYS B 92 -4.36 -16.43 19.90
CA CYS B 92 -5.35 -15.50 19.36
C CYS B 92 -6.32 -15.03 20.42
N ASP B 93 -6.15 -15.43 21.67
CA ASP B 93 -7.03 -14.84 22.67
C ASP B 93 -6.28 -13.76 23.43
N ALA B 94 -4.97 -13.96 23.55
CA ALA B 94 -4.08 -12.95 24.13
C ALA B 94 -4.08 -11.70 23.27
N ALA B 95 -3.99 -11.91 21.96
CA ALA B 95 -3.82 -10.82 21.02
C ALA B 95 -5.06 -9.94 20.89
N GLU B 96 -6.22 -10.44 21.34
CA GLU B 96 -7.46 -9.69 21.25
C GLU B 96 -7.76 -8.89 22.51
N LYS B 97 -7.35 -9.39 23.67
CA LYS B 97 -7.63 -8.66 24.90
C LYS B 97 -6.43 -7.84 25.35
N TRP B 98 -5.23 -8.36 25.11
CA TRP B 98 -4.03 -7.71 25.60
C TRP B 98 -3.17 -7.11 24.50
N GLY B 99 -3.06 -7.82 23.38
CA GLY B 99 -2.18 -7.41 22.31
C GLY B 99 -0.75 -7.73 22.68
N PHE B 100 -0.61 -8.53 23.73
CA PHE B 100 0.67 -8.85 24.35
C PHE B 100 0.61 -10.23 24.97
N PHE B 101 1.68 -11.00 24.83
CA PHE B 101 1.81 -12.26 25.55
C PHE B 101 3.26 -12.73 25.59
N GLN B 102 3.56 -13.65 26.50
CA GLN B 102 4.91 -14.21 26.60
C GLN B 102 4.90 -15.67 26.18
N VAL B 103 5.98 -16.14 25.58
CA VAL B 103 6.11 -17.55 25.23
C VAL B 103 7.36 -18.14 25.89
N ILE B 104 7.26 -19.37 26.36
CA ILE B 104 8.36 -19.94 27.13
C ILE B 104 9.08 -21.10 26.43
N ASN B 105 8.34 -22.10 25.95
CA ASN B 105 8.99 -23.17 25.22
C ASN B 105 8.71 -23.01 23.74
N HIS B 106 9.50 -22.13 23.14
CA HIS B 106 9.26 -21.64 21.80
C HIS B 106 10.09 -22.36 20.75
N GLY B 107 11.06 -23.14 21.21
CA GLY B 107 11.89 -23.94 20.32
C GLY B 107 13.24 -23.32 20.02
N VAL B 108 13.39 -22.03 20.31
CA VAL B 108 14.68 -21.36 20.11
C VAL B 108 15.63 -21.74 21.23
N PRO B 109 16.71 -22.47 20.89
CA PRO B 109 17.68 -23.04 21.84
C PRO B 109 18.17 -21.99 22.85
N LEU B 110 18.15 -22.32 24.15
CA LEU B 110 18.36 -21.31 25.18
C LEU B 110 19.70 -20.61 25.25
N GLU B 111 20.77 -21.16 24.68
CA GLU B 111 21.95 -20.31 24.70
C GLU B 111 22.34 -19.71 23.35
N VAL B 112 21.55 -19.93 22.30
CA VAL B 112 21.58 -19.01 21.18
C VAL B 112 21.16 -17.65 21.74
N LEU B 113 20.22 -17.70 22.70
CA LEU B 113 19.71 -16.51 23.37
C LEU B 113 20.70 -15.82 24.30
N ASP B 114 21.59 -16.56 24.94
CA ASP B 114 22.58 -15.91 25.79
C ASP B 114 23.92 -15.73 25.10
N ASP B 115 24.07 -16.21 23.86
CA ASP B 115 25.23 -15.80 23.07
C ASP B 115 24.99 -14.42 22.50
N VAL B 116 23.75 -14.17 22.08
CA VAL B 116 23.39 -12.91 21.46
C VAL B 116 23.31 -11.82 22.53
N LYS B 117 22.84 -12.20 23.72
CA LYS B 117 22.83 -11.27 24.84
C LYS B 117 24.26 -11.00 25.30
N ALA B 118 25.14 -11.97 25.05
CA ALA B 118 26.54 -11.79 25.37
C ALA B 118 27.20 -10.86 24.37
N ALA B 119 27.00 -11.15 23.08
CA ALA B 119 27.63 -10.39 22.02
C ALA B 119 27.19 -8.93 22.04
N THR B 120 25.97 -8.69 22.50
CA THR B 120 25.47 -7.34 22.66
C THR B 120 26.32 -6.55 23.64
N HIS B 121 26.63 -7.15 24.78
CA HIS B 121 27.48 -6.53 25.78
C HIS B 121 28.86 -6.26 25.19
N LYS B 122 29.35 -7.20 24.38
CA LYS B 122 30.68 -7.07 23.82
C LYS B 122 30.74 -5.99 22.77
N PHE B 123 29.61 -5.68 22.17
CA PHE B 123 29.56 -4.57 21.22
C PHE B 123 29.64 -3.20 21.91
N PHE B 124 28.80 -3.00 22.91
CA PHE B 124 28.70 -1.69 23.54
C PHE B 124 29.91 -1.40 24.43
N ASN B 125 30.62 -2.44 24.84
CA ASN B 125 31.82 -2.23 25.64
C ASN B 125 33.06 -2.07 24.78
N LEU B 126 32.89 -2.16 23.47
CA LEU B 126 33.96 -1.84 22.53
C LEU B 126 34.30 -0.35 22.65
N PRO B 127 35.54 0.02 22.30
CA PRO B 127 35.94 1.43 22.23
C PRO B 127 35.03 2.23 21.30
N VAL B 128 34.73 3.47 21.67
CA VAL B 128 33.87 4.32 20.85
C VAL B 128 34.52 4.49 19.48
N GLU B 129 35.86 4.58 19.47
CA GLU B 129 36.66 4.66 18.26
C GLU B 129 36.33 3.53 17.30
N GLU B 130 36.03 2.36 17.86
CA GLU B 130 35.69 1.18 17.06
C GLU B 130 34.18 1.07 16.85
N LYS B 131 33.40 1.70 17.73
CA LYS B 131 31.95 1.67 17.59
C LYS B 131 31.40 2.80 16.73
N ARG B 132 32.21 3.84 16.54
CA ARG B 132 31.82 4.97 15.68
C ARG B 132 31.82 4.58 14.22
N LYS B 133 32.45 3.44 13.92
CA LYS B 133 32.55 2.97 12.54
C LYS B 133 31.18 2.55 11.99
N PHE B 134 30.17 2.52 12.86
CA PHE B 134 28.86 2.03 12.48
C PHE B 134 27.75 3.06 12.65
N THR B 135 28.12 4.32 12.79
CA THR B 135 27.13 5.40 12.85
C THR B 135 26.57 5.65 11.45
N LYS B 136 25.48 6.39 11.36
CA LYS B 136 24.84 6.66 10.07
C LYS B 136 25.76 7.44 9.13
N GLU B 137 26.74 8.13 9.69
CA GLU B 137 27.68 8.89 8.87
C GLU B 137 28.86 8.02 8.44
N ASN B 138 29.16 7.00 9.24
CA ASN B 138 30.31 6.16 8.97
C ASN B 138 29.95 4.81 8.35
N SER B 139 28.74 4.32 8.64
CA SER B 139 28.28 3.08 8.07
C SER B 139 28.14 3.14 6.56
N LEU B 140 28.69 2.15 5.89
CA LEU B 140 28.60 2.04 4.44
C LEU B 140 27.26 1.44 3.99
N SER B 141 26.39 1.10 4.94
CA SER B 141 25.06 0.58 4.61
C SER B 141 23.93 1.23 5.41
N THR B 142 22.78 1.38 4.76
CA THR B 142 21.58 1.91 5.41
C THR B 142 20.99 0.87 6.35
N THR B 143 21.45 -0.37 6.20
CA THR B 143 20.97 -1.49 6.97
C THR B 143 21.58 -1.53 8.36
N VAL B 144 22.67 -0.79 8.54
CA VAL B 144 23.36 -0.75 9.83
C VAL B 144 23.43 0.66 10.39
N ARG B 145 23.13 0.81 11.67
CA ARG B 145 23.27 2.12 12.30
C ARG B 145 23.42 2.04 13.82
N PHE B 146 24.59 2.51 14.28
CA PHE B 146 24.83 2.70 15.69
C PHE B 146 24.44 4.13 16.09
N GLY B 147 23.57 4.23 17.08
CA GLY B 147 23.09 5.53 17.50
C GLY B 147 22.77 5.65 18.97
N THR B 148 22.20 6.79 19.28
CA THR B 148 21.75 7.16 20.61
C THR B 148 20.54 8.00 20.27
N SER B 149 19.62 8.21 21.20
CA SER B 149 18.41 8.93 20.83
C SER B 149 18.67 10.43 20.74
N PHE B 150 18.52 10.96 19.52
CA PHE B 150 18.85 12.36 19.23
C PHE B 150 17.63 13.25 19.37
N SER B 151 16.47 12.79 18.89
CA SER B 151 15.16 13.34 19.25
C SER B 151 14.05 12.42 18.74
N PRO B 152 13.22 11.89 19.65
CA PRO B 152 12.13 10.98 19.26
C PRO B 152 10.73 11.53 19.54
N LEU B 153 9.94 11.73 18.49
CA LEU B 153 8.64 12.39 18.62
C LEU B 153 7.50 11.38 18.53
N GLN B 156 12.85 18.40 22.59
CA GLN B 156 12.10 17.41 23.35
C GLN B 156 13.01 16.43 24.09
N ALA B 157 12.45 15.79 25.11
CA ALA B 157 13.17 14.86 25.98
C ALA B 157 13.68 13.63 25.25
N LEU B 158 14.89 13.21 25.61
CA LEU B 158 15.53 12.05 25.02
C LEU B 158 15.37 10.77 25.84
N GLU B 159 15.54 9.63 25.17
CA GLU B 159 15.48 8.31 25.81
C GLU B 159 16.83 7.96 26.39
N TRP B 160 16.85 7.35 27.58
CA TRP B 160 18.13 6.95 28.16
C TRP B 160 18.54 5.61 27.58
N LYS B 161 19.12 5.63 26.38
CA LYS B 161 19.32 4.41 25.62
C LYS B 161 20.35 4.53 24.48
N ASP B 162 21.20 3.51 24.35
CA ASP B 162 22.03 3.33 23.15
C ASP B 162 21.47 2.15 22.35
N TYR B 163 21.71 2.16 21.04
CA TYR B 163 21.16 1.10 20.19
C TYR B 163 22.04 0.80 18.98
N LEU B 164 21.76 -0.35 18.35
CA LEU B 164 22.33 -0.69 17.04
C LEU B 164 21.25 -1.29 16.15
N SER B 165 20.78 -0.51 15.19
CA SER B 165 19.70 -0.97 14.32
C SER B 165 20.25 -1.75 13.14
N LEU B 166 19.90 -3.03 13.06
CA LEU B 166 20.37 -3.90 11.98
C LEU B 166 19.21 -4.40 11.14
N PHE B 167 19.06 -3.89 9.93
CA PHE B 167 18.00 -4.36 9.04
C PHE B 167 18.51 -5.53 8.19
N PHE B 168 17.81 -6.67 8.23
CA PHE B 168 18.31 -7.87 7.57
C PHE B 168 17.93 -7.93 6.09
N VAL B 169 18.95 -8.08 5.25
CA VAL B 169 18.80 -8.17 3.82
C VAL B 169 19.26 -9.53 3.32
N SER B 170 20.48 -9.89 3.67
CA SER B 170 21.14 -11.06 3.13
C SER B 170 22.16 -11.60 4.13
N GLU B 171 22.67 -12.81 3.88
CA GLU B 171 23.78 -13.31 4.67
C GLU B 171 25.07 -12.64 4.18
N ALA B 172 25.09 -12.30 2.89
CA ALA B 172 26.21 -11.60 2.26
C ALA B 172 26.36 -10.16 2.76
N GLU B 173 25.24 -9.45 2.90
CA GLU B 173 25.31 -8.06 3.32
C GLU B 173 25.43 -7.94 4.84
N ALA B 174 25.29 -9.07 5.53
CA ALA B 174 25.68 -9.16 6.93
C ALA B 174 27.18 -9.24 7.00
N GLU B 175 27.75 -10.06 6.11
CA GLU B 175 29.21 -10.26 6.01
C GLU B 175 30.02 -8.99 6.09
N GLN B 176 29.68 -8.02 5.24
CA GLN B 176 30.51 -6.85 5.01
C GLN B 176 30.12 -5.62 5.84
N PHE B 177 28.92 -5.64 6.41
CA PHE B 177 28.37 -4.43 7.02
C PHE B 177 28.02 -4.58 8.49
N TRP B 178 27.84 -5.81 8.95
CA TRP B 178 27.57 -6.01 10.38
C TRP B 178 28.89 -6.15 11.12
N PRO B 179 28.96 -5.61 12.35
CA PRO B 179 30.18 -5.73 13.17
C PRO B 179 30.52 -7.19 13.44
N ASP B 180 31.79 -7.54 13.24
CA ASP B 180 32.23 -8.93 13.25
C ASP B 180 32.15 -9.56 14.64
N ILE B 181 32.12 -8.72 15.66
CA ILE B 181 32.16 -9.19 17.04
C ILE B 181 30.80 -9.68 17.52
N CYS B 182 29.77 -9.56 16.67
CA CYS B 182 28.42 -9.95 17.08
C CYS B 182 27.57 -10.37 15.89
N ARG B 183 28.20 -10.73 14.78
CA ARG B 183 27.44 -11.01 13.57
C ARG B 183 26.84 -12.41 13.60
N ASN B 184 27.67 -13.43 13.83
CA ASN B 184 27.20 -14.81 13.85
C ASN B 184 26.12 -15.08 14.91
N GLU B 185 26.23 -14.46 16.07
CA GLU B 185 25.23 -14.64 17.12
C GLU B 185 23.87 -14.08 16.75
N THR B 186 23.86 -12.92 16.10
CA THR B 186 22.61 -12.29 15.72
C THR B 186 21.95 -13.08 14.59
N LEU B 187 22.74 -13.45 13.59
CA LEU B 187 22.24 -14.24 12.46
C LEU B 187 21.60 -15.53 12.93
N GLU B 188 22.28 -16.21 13.84
CA GLU B 188 21.79 -17.49 14.36
C GLU B 188 20.53 -17.25 15.16
N TYR B 189 20.49 -16.11 15.84
CA TYR B 189 19.32 -15.74 16.62
C TYR B 189 18.17 -15.33 15.73
N ILE B 190 18.46 -14.80 14.55
CA ILE B 190 17.41 -14.47 13.60
C ILE B 190 16.89 -15.75 12.93
N ASN B 191 17.82 -16.59 12.50
CA ASN B 191 17.49 -17.85 11.86
C ASN B 191 16.53 -18.67 12.72
N LYS B 192 16.81 -18.75 14.01
CA LYS B 192 16.04 -19.60 14.91
C LYS B 192 14.73 -18.96 15.33
N SER B 193 14.73 -17.64 15.51
CA SER B 193 13.50 -16.93 15.88
C SER B 193 12.49 -16.94 14.74
N LYS B 194 13.00 -16.84 13.52
CA LYS B 194 12.15 -16.66 12.36
C LYS B 194 11.31 -17.91 12.07
N LYS B 195 11.79 -19.05 12.56
CA LYS B 195 11.00 -20.27 12.45
C LYS B 195 9.90 -20.25 13.50
N VAL B 197 8.54 -17.44 14.70
CA VAL B 197 7.64 -16.41 14.18
C VAL B 197 6.63 -17.02 13.23
N ARG B 198 7.11 -17.85 12.31
CA ARG B 198 6.22 -18.53 11.38
C ARG B 198 5.16 -19.31 12.12
N ARG B 199 5.53 -19.99 13.21
CA ARG B 199 4.56 -20.77 13.98
C ARG B 199 3.49 -19.86 14.60
N LEU B 200 3.91 -18.72 15.16
CA LEU B 200 2.97 -17.80 15.79
C LEU B 200 1.96 -17.24 14.79
N LEU B 201 2.43 -16.96 13.58
CA LEU B 201 1.59 -16.39 12.54
C LEU B 201 0.50 -17.34 12.03
N GLU B 202 0.83 -18.61 11.82
CA GLU B 202 -0.16 -19.55 11.32
C GLU B 202 -1.25 -19.80 12.35
N TYR B 203 -0.97 -19.42 13.60
CA TYR B 203 -1.99 -19.40 14.64
C TYR B 203 -2.95 -18.24 14.48
N LEU B 204 -2.37 -17.04 14.48
CA LEU B 204 -3.09 -15.79 14.29
C LEU B 204 -3.89 -15.75 12.99
N GLY B 205 -3.23 -16.03 11.87
CA GLY B 205 -3.91 -16.07 10.57
C GLY B 205 -4.99 -17.11 10.37
N LYS B 206 -4.88 -18.25 11.06
CA LYS B 206 -5.95 -19.23 11.04
C LYS B 206 -7.25 -18.73 11.67
N ASN B 207 -7.14 -17.93 12.72
CA ASN B 207 -8.35 -17.44 13.38
C ASN B 207 -8.93 -16.25 12.62
N LEU B 208 -8.13 -15.72 11.70
CA LEU B 208 -8.58 -14.67 10.79
C LEU B 208 -9.23 -15.25 9.54
N LEU B 213 0.03 -20.12 5.63
CA LEU B 213 0.85 -19.00 5.20
C LEU B 213 1.75 -19.40 4.04
N ASP B 214 1.62 -18.71 2.93
CA ASP B 214 2.47 -18.93 1.77
C ASP B 214 3.40 -17.75 1.58
N GLU B 215 4.17 -17.75 0.50
CA GLU B 215 5.21 -16.75 0.41
C GLU B 215 4.63 -15.42 0.02
N THR B 216 3.33 -15.38 -0.20
CA THR B 216 2.68 -14.13 -0.51
C THR B 216 2.26 -13.50 0.80
N LYS B 217 1.76 -14.31 1.72
CA LYS B 217 1.42 -13.86 3.05
C LYS B 217 2.64 -13.69 3.89
N GLU B 218 3.64 -14.51 3.67
CA GLU B 218 4.88 -14.37 4.40
C GLU B 218 5.53 -13.06 4.05
N SER B 219 5.28 -12.57 2.87
CA SER B 219 5.83 -11.27 2.47
C SER B 219 5.03 -10.10 3.07
N LEU B 220 3.78 -10.35 3.43
CA LEU B 220 2.97 -9.30 4.03
C LEU B 220 3.15 -9.22 5.54
N PHE B 221 3.62 -10.32 6.13
CA PHE B 221 3.80 -10.37 7.57
C PHE B 221 5.28 -10.34 7.93
N GLY B 223 7.73 -9.75 5.49
CA GLY B 223 8.39 -9.15 4.34
C GLY B 223 9.75 -8.57 4.67
N SER B 224 9.83 -7.84 5.77
CA SER B 224 11.10 -7.24 6.17
C SER B 224 11.39 -7.50 7.65
N ILE B 225 12.68 -7.69 7.95
CA ILE B 225 13.10 -8.01 9.31
C ILE B 225 14.10 -6.97 9.80
N ARG B 226 13.90 -6.51 11.02
CA ARG B 226 14.83 -5.57 11.64
C ARG B 226 15.06 -5.97 13.09
N VAL B 227 16.30 -5.91 13.52
CA VAL B 227 16.64 -6.25 14.88
C VAL B 227 17.48 -5.13 15.48
N ASN B 228 17.08 -4.67 16.66
CA ASN B 228 17.85 -3.67 17.40
C ASN B 228 18.59 -4.28 18.57
N LEU B 229 19.84 -3.88 18.74
CA LEU B 229 20.57 -4.23 19.93
C LEU B 229 20.45 -3.05 20.87
N ASN B 230 19.58 -3.15 21.87
CA ASN B 230 19.35 -2.02 22.76
C ASN B 230 20.22 -2.09 24.00
N TYR B 231 20.68 -0.92 24.42
CA TYR B 231 21.49 -0.84 25.62
C TYR B 231 21.01 0.29 26.50
N TYR B 232 20.67 -0.06 27.73
CA TYR B 232 20.21 0.91 28.70
C TYR B 232 21.22 1.01 29.82
N PRO B 233 22.10 2.02 29.76
CA PRO B 233 23.06 2.15 30.85
C PRO B 233 22.34 2.51 32.13
N ILE B 234 22.97 2.23 33.27
CA ILE B 234 22.37 2.55 34.55
C ILE B 234 22.10 4.05 34.62
N CYS B 235 20.96 4.43 35.16
CA CYS B 235 20.55 5.83 35.16
C CYS B 235 20.48 6.48 36.52
N PRO B 236 21.10 7.66 36.66
CA PRO B 236 20.97 8.46 37.88
C PRO B 236 19.54 8.99 37.99
N ASN B 237 18.85 8.65 39.07
CA ASN B 237 17.45 9.02 39.24
C ASN B 237 16.58 8.57 38.06
N PRO B 238 16.34 7.25 37.95
CA PRO B 238 15.59 6.60 36.88
C PRO B 238 14.18 7.14 36.72
N ASP B 239 13.68 7.80 37.75
CA ASP B 239 12.29 8.22 37.79
C ASP B 239 12.06 9.47 36.93
N LEU B 240 13.13 10.17 36.59
CA LEU B 240 13.03 11.36 35.74
C LEU B 240 13.00 11.04 34.24
N THR B 241 13.67 9.96 33.83
CA THR B 241 13.74 9.60 32.42
C THR B 241 13.19 8.20 32.18
N VAL B 242 13.18 7.78 30.92
CA VAL B 242 12.71 6.44 30.56
C VAL B 242 13.68 5.71 29.67
N GLY B 243 13.40 4.44 29.45
CA GLY B 243 14.14 3.65 28.48
C GLY B 243 13.61 3.94 27.08
N VAL B 244 12.29 4.05 26.94
CA VAL B 244 11.68 4.33 25.65
C VAL B 244 10.52 5.31 25.74
N GLY B 245 9.43 4.92 26.37
CA GLY B 245 8.29 5.82 26.53
C GLY B 245 7.06 5.36 25.76
N ARG B 246 5.92 5.98 26.03
CA ARG B 246 4.66 5.55 25.43
C ARG B 246 4.67 5.56 23.92
N HIS B 247 4.33 4.41 23.34
CA HIS B 247 4.25 4.27 21.91
C HIS B 247 3.54 2.98 21.53
N SER B 248 3.12 2.90 20.26
CA SER B 248 2.60 1.67 19.68
C SER B 248 3.47 1.30 18.49
N ASP B 249 3.89 0.03 18.44
CA ASP B 249 4.71 -0.43 17.33
C ASP B 249 3.89 -0.42 16.02
N VAL B 250 4.53 -0.03 14.92
CA VAL B 250 3.85 -0.05 13.62
C VAL B 250 4.21 -1.32 12.86
N SER B 251 4.84 -2.26 13.55
CA SER B 251 5.27 -3.53 12.96
C SER B 251 4.10 -4.48 12.74
N SER B 252 4.41 -5.66 12.20
CA SER B 252 3.45 -6.75 12.19
C SER B 252 3.49 -7.44 13.54
N LEU B 253 4.70 -7.74 14.01
CA LEU B 253 4.90 -8.23 15.35
C LEU B 253 6.28 -7.86 15.86
N THR B 254 6.38 -7.70 17.17
CA THR B 254 7.64 -7.37 17.81
C THR B 254 8.03 -8.53 18.73
N ILE B 255 9.22 -9.09 18.51
CA ILE B 255 9.72 -10.18 19.36
C ILE B 255 10.74 -9.61 20.33
N LEU B 256 10.44 -9.65 21.62
CA LEU B 256 11.33 -9.02 22.59
C LEU B 256 12.04 -10.01 23.50
N LEU B 257 13.36 -9.99 23.42
CA LEU B 257 14.21 -10.75 24.33
C LEU B 257 14.84 -9.84 25.38
N GLN B 258 14.36 -9.92 26.61
CA GLN B 258 14.93 -9.12 27.69
C GLN B 258 16.00 -9.88 28.46
N ASP B 259 16.70 -9.14 29.33
CA ASP B 259 17.65 -9.70 30.29
C ASP B 259 16.90 -10.06 31.57
N GLN B 260 17.58 -10.16 32.71
CA GLN B 260 16.87 -10.63 33.89
C GLN B 260 16.34 -9.50 34.75
N ILE B 261 16.69 -8.26 34.39
CA ILE B 261 16.07 -7.12 35.04
C ILE B 261 14.77 -6.72 34.34
N GLY B 262 14.85 -6.55 33.03
CA GLY B 262 13.67 -6.17 32.26
C GLY B 262 13.37 -4.68 32.37
N GLY B 263 12.09 -4.36 32.44
CA GLY B 263 11.65 -2.99 32.56
C GLY B 263 10.57 -2.63 31.55
N LEU B 264 10.01 -3.66 30.90
CA LEU B 264 8.91 -3.46 29.97
C LEU B 264 7.64 -3.10 30.74
N HIS B 265 6.94 -2.09 30.24
CA HIS B 265 5.73 -1.56 30.88
C HIS B 265 4.59 -1.55 29.88
N VAL B 266 3.52 -2.27 30.16
CA VAL B 266 2.42 -2.39 29.21
C VAL B 266 1.10 -1.83 29.76
N ARG B 267 0.40 -1.06 28.94
CA ARG B 267 -0.89 -0.50 29.33
C ARG B 267 -2.00 -1.51 29.05
N SER B 268 -2.77 -1.83 30.09
CA SER B 268 -3.82 -2.84 29.96
C SER B 268 -5.03 -2.27 29.22
N LEU B 269 -5.83 -3.16 28.64
CA LEU B 269 -7.01 -2.76 27.87
C LEU B 269 -8.27 -3.04 28.66
N ALA B 270 -8.12 -3.85 29.70
CA ALA B 270 -9.24 -4.13 30.61
C ALA B 270 -9.35 -3.01 31.63
N SER B 271 -8.35 -2.94 32.51
CA SER B 271 -8.34 -1.97 33.59
C SER B 271 -7.96 -0.57 33.11
N GLY B 272 -7.04 -0.51 32.16
CA GLY B 272 -6.54 0.77 31.69
C GLY B 272 -5.25 1.15 32.38
N ASN B 273 -4.81 0.32 33.32
CA ASN B 273 -3.59 0.58 34.08
C ASN B 273 -2.33 0.10 33.36
N TRP B 274 -1.18 0.31 33.97
CA TRP B 274 0.09 -0.09 33.38
C TRP B 274 0.65 -1.32 34.12
N VAL B 275 1.07 -2.32 33.35
CA VAL B 275 1.47 -3.61 33.92
C VAL B 275 2.96 -3.89 33.76
N HIS B 276 3.61 -4.30 34.84
CA HIS B 276 5.01 -4.66 34.81
C HIS B 276 5.18 -6.12 34.41
N VAL B 277 5.94 -6.33 33.32
CA VAL B 277 6.16 -7.64 32.74
C VAL B 277 7.36 -8.33 33.37
N PRO B 278 7.17 -9.52 33.95
CA PRO B 278 8.27 -10.27 34.56
C PRO B 278 9.32 -10.63 33.52
N PRO B 279 10.57 -10.22 33.75
CA PRO B 279 11.68 -10.29 32.80
C PRO B 279 12.30 -11.66 32.54
N VAL B 280 12.38 -12.50 33.56
CA VAL B 280 13.20 -13.70 33.46
C VAL B 280 12.54 -14.85 32.70
N ALA B 281 13.43 -15.72 32.17
CA ALA B 281 13.18 -17.01 31.52
C ALA B 281 13.74 -17.00 30.10
N GLY B 282 13.80 -18.19 29.51
CA GLY B 282 14.12 -18.34 28.11
C GLY B 282 12.85 -17.93 27.41
N SER B 283 12.56 -16.64 27.46
CA SER B 283 11.23 -16.14 27.14
C SER B 283 11.29 -15.01 26.12
N PHE B 284 10.22 -14.92 25.33
CA PHE B 284 10.02 -13.82 24.41
C PHE B 284 8.76 -13.08 24.79
N VAL B 285 8.74 -11.77 24.55
CA VAL B 285 7.51 -11.02 24.69
C VAL B 285 7.06 -10.60 23.31
N ILE B 286 5.86 -11.02 22.93
CA ILE B 286 5.34 -10.74 21.61
C ILE B 286 4.16 -9.78 21.68
N ASN B 287 4.22 -8.72 20.88
CA ASN B 287 3.10 -7.79 20.80
C ASN B 287 2.66 -7.52 19.37
N ILE B 288 1.40 -7.16 19.22
CA ILE B 288 0.80 -6.88 17.92
C ILE B 288 1.17 -5.44 17.56
N GLY B 289 1.25 -5.13 16.27
CA GLY B 289 1.54 -3.78 15.84
C GLY B 289 0.42 -3.25 14.96
N ASP B 290 0.49 -1.97 14.61
CA ASP B 290 -0.57 -1.33 13.83
C ASP B 290 -0.81 -2.07 12.51
N ALA B 291 0.25 -2.56 11.90
CA ALA B 291 0.12 -3.26 10.61
C ALA B 291 -0.74 -4.50 10.74
N GLN B 293 -2.88 -5.14 13.36
CA GLN B 293 -4.21 -4.73 13.79
C GLN B 293 -5.08 -4.37 12.59
N ILE B 294 -4.50 -3.61 11.66
CA ILE B 294 -5.18 -3.20 10.44
C ILE B 294 -5.55 -4.39 9.55
N SER B 296 -5.90 -7.49 10.49
CA SER B 296 -6.89 -8.29 11.21
C SER B 296 -8.23 -7.57 11.29
N ASN B 297 -8.33 -6.44 10.58
CA ASN B 297 -9.50 -5.58 10.61
C ASN B 297 -9.87 -5.14 12.02
N GLY B 298 -8.86 -4.89 12.84
CA GLY B 298 -9.07 -4.39 14.18
C GLY B 298 -9.28 -5.47 15.24
N LEU B 299 -9.25 -6.73 14.81
CA LEU B 299 -9.46 -7.83 15.75
C LEU B 299 -8.34 -7.90 16.78
N TYR B 300 -7.10 -7.87 16.30
CA TYR B 300 -5.92 -7.88 17.17
C TYR B 300 -5.54 -6.44 17.53
N LYS B 301 -5.02 -6.25 18.75
CA LYS B 301 -4.81 -4.90 19.26
C LYS B 301 -3.36 -4.49 19.37
N SER B 302 -3.00 -3.38 18.69
CA SER B 302 -1.70 -2.75 18.91
C SER B 302 -1.82 -1.75 20.06
N VAL B 303 -1.23 -2.08 21.20
CA VAL B 303 -1.48 -1.29 22.40
C VAL B 303 -0.24 -0.51 22.88
N GLU B 304 -0.48 0.49 23.73
CA GLU B 304 0.57 1.35 24.26
C GLU B 304 1.51 0.60 25.20
N HIS B 305 2.80 0.92 25.14
CA HIS B 305 3.77 0.31 26.05
C HIS B 305 5.03 1.16 26.20
N ARG B 306 5.66 1.08 27.38
CA ARG B 306 6.84 1.89 27.71
C ARG B 306 8.02 1.01 28.09
N VAL B 307 9.17 1.64 28.33
CA VAL B 307 10.31 0.95 28.94
C VAL B 307 10.95 1.80 30.04
N LEU B 308 10.94 1.27 31.26
CA LEU B 308 11.47 1.93 32.45
C LEU B 308 12.98 2.12 32.43
N ALA B 309 13.46 3.04 33.24
CA ALA B 309 14.90 3.20 33.45
C ALA B 309 15.28 2.47 34.72
N ASN B 310 16.57 2.23 34.91
CA ASN B 310 17.03 1.51 36.09
C ASN B 310 18.24 2.18 36.72
N GLY B 311 18.17 2.46 38.01
CA GLY B 311 19.31 3.05 38.70
C GLY B 311 20.14 2.07 39.49
N TYR B 312 20.07 0.79 39.14
CA TYR B 312 20.79 -0.23 39.88
C TYR B 312 21.69 -1.05 38.97
N ASN B 313 21.25 -1.23 37.73
CA ASN B 313 21.98 -2.04 36.76
C ASN B 313 21.93 -1.45 35.34
N ASN B 314 22.92 -1.83 34.53
CA ASN B 314 22.87 -1.57 33.10
C ASN B 314 22.05 -2.68 32.46
N ARG B 315 21.27 -2.35 31.46
CA ARG B 315 20.40 -3.34 30.83
C ARG B 315 20.54 -3.39 29.33
N ILE B 316 20.23 -4.54 28.77
CA ILE B 316 20.17 -4.69 27.31
C ILE B 316 18.86 -5.31 26.91
N SER B 317 18.58 -5.23 25.62
CA SER B 317 17.32 -5.68 25.08
C SER B 317 17.53 -5.97 23.60
N VAL B 318 16.95 -7.06 23.12
CA VAL B 318 17.09 -7.40 21.71
C VAL B 318 15.73 -7.65 21.07
N PRO B 319 15.07 -6.59 20.60
CA PRO B 319 13.81 -6.74 19.88
C PRO B 319 14.00 -7.18 18.43
N ILE B 320 13.10 -8.02 17.92
CA ILE B 320 13.04 -8.26 16.48
C ILE B 320 11.74 -7.68 15.94
N PHE B 321 11.84 -6.85 14.92
CA PHE B 321 10.65 -6.24 14.35
C PHE B 321 10.32 -6.89 13.02
N VAL B 322 9.29 -7.74 13.04
CA VAL B 322 8.85 -8.41 11.85
C VAL B 322 7.86 -7.50 11.12
N ASN B 323 8.21 -7.11 9.89
CA ASN B 323 7.45 -6.11 9.17
C ASN B 323 7.02 -6.59 7.79
N PRO B 324 5.99 -5.95 7.21
CA PRO B 324 5.74 -6.10 5.77
C PRO B 324 6.88 -5.48 4.98
N LYS B 325 6.91 -5.69 3.66
CA LYS B 325 7.86 -4.99 2.81
C LYS B 325 7.43 -3.54 2.69
N PRO B 326 8.38 -2.63 2.42
CA PRO B 326 8.02 -1.21 2.31
C PRO B 326 6.97 -0.98 1.22
N GLU B 327 7.03 -1.78 0.17
CA GLU B 327 6.13 -1.63 -0.97
C GLU B 327 4.90 -2.53 -0.84
N SER B 328 4.66 -3.04 0.37
CA SER B 328 3.47 -3.84 0.64
C SER B 328 2.24 -2.96 0.83
N VAL B 329 1.15 -3.30 0.16
CA VAL B 329 -0.13 -2.65 0.37
C VAL B 329 -0.91 -3.39 1.44
N ILE B 330 -0.97 -2.83 2.64
CA ILE B 330 -1.66 -3.48 3.74
C ILE B 330 -3.10 -2.99 3.85
N GLY B 331 -3.95 -3.77 4.50
CA GLY B 331 -5.36 -3.44 4.66
C GLY B 331 -6.10 -4.64 5.21
N PRO B 332 -7.39 -4.46 5.55
CA PRO B 332 -8.21 -5.57 6.05
C PRO B 332 -8.22 -6.75 5.08
N LEU B 333 -7.80 -7.92 5.53
CA LEU B 333 -7.74 -9.11 4.69
C LEU B 333 -9.10 -9.51 4.14
N PRO B 334 -9.14 -9.90 2.86
CA PRO B 334 -10.35 -10.39 2.19
C PRO B 334 -10.98 -11.55 2.93
N GLU B 335 -10.16 -12.33 3.63
CA GLU B 335 -10.64 -13.48 4.38
C GLU B 335 -11.41 -13.04 5.63
N VAL B 336 -11.19 -11.79 6.05
CA VAL B 336 -11.87 -11.23 7.21
C VAL B 336 -13.15 -10.52 6.78
N ILE B 337 -13.20 -10.13 5.51
CA ILE B 337 -14.35 -9.40 4.97
C ILE B 337 -15.28 -10.42 4.34
N ALA B 338 -14.84 -11.67 4.33
CA ALA B 338 -15.61 -12.76 3.77
C ALA B 338 -16.86 -12.98 4.62
N ASN B 339 -16.78 -12.62 5.91
CA ASN B 339 -17.86 -12.85 6.85
C ASN B 339 -18.99 -11.83 6.68
N GLY B 340 -19.01 -11.12 5.57
CA GLY B 340 -20.01 -10.07 5.38
C GLY B 340 -19.67 -8.90 6.30
N GLU B 341 -18.45 -8.92 6.82
CA GLU B 341 -17.97 -7.93 7.78
C GLU B 341 -17.61 -6.62 7.09
N GLU B 342 -17.56 -5.54 7.86
CA GLU B 342 -17.29 -4.24 7.27
C GLU B 342 -15.81 -3.93 7.39
N PRO B 343 -15.21 -3.40 6.32
CA PRO B 343 -13.82 -2.98 6.48
C PRO B 343 -13.77 -1.68 7.29
N ILE B 344 -13.06 -1.69 8.41
CA ILE B 344 -12.99 -0.49 9.24
C ILE B 344 -11.80 0.38 8.86
N TYR B 345 -10.87 -0.21 8.11
CA TYR B 345 -9.69 0.55 7.68
C TYR B 345 -9.62 0.64 6.17
N ARG B 346 -9.11 1.76 5.66
CA ARG B 346 -8.73 1.83 4.27
C ARG B 346 -7.45 1.05 4.05
N ASP B 347 -7.13 0.81 2.78
CA ASP B 347 -5.90 0.14 2.41
C ASP B 347 -4.79 1.16 2.19
N VAL B 348 -3.60 0.89 2.72
CA VAL B 348 -2.51 1.84 2.63
C VAL B 348 -1.18 1.15 2.33
N LEU B 349 -0.36 1.83 1.53
CA LEU B 349 1.01 1.38 1.27
C LEU B 349 1.76 1.42 2.60
N TYR B 350 2.53 0.38 2.89
CA TYR B 350 3.19 0.29 4.20
C TYR B 350 4.19 1.41 4.42
N SER B 351 4.97 1.75 3.40
CA SER B 351 5.98 2.79 3.55
C SER B 351 5.31 4.13 3.81
N ASP B 352 4.17 4.35 3.16
CA ASP B 352 3.42 5.60 3.33
C ASP B 352 2.77 5.63 4.70
N TYR B 353 2.57 4.46 5.28
CA TYR B 353 2.04 4.38 6.64
C TYR B 353 3.15 4.73 7.62
N VAL B 354 4.37 4.26 7.34
CA VAL B 354 5.52 4.43 8.24
C VAL B 354 5.87 5.91 8.41
N LYS B 355 5.43 6.73 7.46
CA LYS B 355 5.51 8.16 7.69
C LYS B 355 4.19 8.48 8.41
N TYR B 356 3.40 9.38 7.83
CA TYR B 356 2.03 9.62 8.30
C TYR B 356 1.90 9.82 9.81
#